data_9NWY
#
_entry.id   9NWY
#
_cell.length_a   104.261
_cell.length_b   138.384
_cell.length_c   178.425
_cell.angle_alpha   90.00
_cell.angle_beta   90.00
_cell.angle_gamma   90.00
#
_symmetry.space_group_name_H-M   'I 2 2 2'
#
loop_
_entity.id
_entity.type
_entity.pdbx_description
1 polymer 'Protein arginine N-methyltransferase 5'
2 polymer 'Methylosome protein 50'
3 non-polymer 2-amino-3-methyl-N-(2-methylpropyl)-N-{[5-(trifluoromethyl)pyridin-2-yl]methyl}quinoline-6-carboxamide
4 non-polymer "5'-DEOXY-5'-METHYLTHIOADENOSINE"
5 water water
#
loop_
_entity_poly.entity_id
_entity_poly.type
_entity_poly.pdbx_seq_one_letter_code
_entity_poly.pdbx_strand_id
1 'polypeptide(L)'
;MDYKDDDDKGRATMAAMAVGGAGGSRVSSGRDLNCVPEIADTLGAVAKQGFDFLCMPVFHPRFKREFIQEPAKNRPGPQT
RSDLLLSGRDWNTLIVGKLSPWIRPDSKVEKIRRNSEAAMLQELNFGAYLGLPAFLLPLNQEDNTNLARVLTNHIHTGHH
SSMFWMRVPLVAPEDLRDDIIENAPTTHTEEYSGEEKTWMWWHNFRTLCDYSKRIAVALEIGADLPSNHVIDRWLGEPIK
AAILPTSIFLTNKKGFPVLSKMHQRLIFRLLKLEVQFIITGTNHHSEKEFCSYLQYLEYLSQNRPPPNAYELFAKGYEDY
LQSPLQPLMDNLESQTYEVFEKDPIKYSQYQQAIYKCLLDRVPEEEKDTNVQVLMVLGAGRGPLVNASLRAAKQADRRIK
LYAVEKNPNAVVTLENWQFEEWGSQVTVVSSDMREWVAPEKADIIVSELLGSFADNELSPECLDGAQHFLKDDGVSIPGE
YTSFLAPISSSKLYNEVRACREKDRDPEAQFEMPYVVRLHNFHQLSAPQPCFTFSHPNRDPMIDNNRYCTLEFPVEVNTV
LHGFAGYFETVLYQDITLSIRPETHSPGMFSWFPILFPIKQPITVREGQTICVRFWRCSNSKKVWYEWAVTAPVCSAIHN
PTGRSYTIGL
;
A
2 'polypeptide(L)'
;GSLRKETPPPLVPPAAREWNLPPNAPACMERQLEAARYRSDGALLLGASSLSGRCWAGSLWLFKDPCAAPNEGFCSAGVQ
TEAGVADLTWVGERGILVASDSGAVELWELDENETLIVSKFCKYEHDDIVSTVSVLSSGTQAVSGSKDICIKVWDLAQQV
VLSSYRAHAAQVTCVAASPHKDSVFLSCSEDNRILLWDTRCPKPASQIGCSAPGYLPTSLAWHPQQSEVFVFGDENGTVS
LVDTKSTSCVLSSAVHSQCVTGLVFSPHSVPFLASLSEDCSLAVLDSSLSELFRSQAHRDFVRDATWSPLNHSLLTTVGW
DHQVVHHVVPTEPLPAPGPASVTE
;
B
#
# COMPACT_ATOMS: atom_id res chain seq x y z
N ARG A 26 13.41 -14.92 -6.19
CA ARG A 26 12.56 -14.41 -7.26
C ARG A 26 11.62 -13.33 -6.72
N VAL A 27 11.37 -12.30 -7.54
CA VAL A 27 10.55 -11.16 -7.15
C VAL A 27 9.34 -11.08 -8.07
N SER A 28 8.17 -10.85 -7.49
CA SER A 28 6.96 -10.58 -8.24
C SER A 28 6.81 -9.08 -8.41
N SER A 29 6.69 -8.63 -9.67
CA SER A 29 6.70 -7.20 -9.96
C SER A 29 5.63 -6.88 -11.00
N GLY A 30 5.29 -5.60 -11.07
CA GLY A 30 4.30 -5.13 -12.01
C GLY A 30 4.63 -3.73 -12.50
N ARG A 31 4.03 -3.36 -13.62
CA ARG A 31 4.29 -2.09 -14.28
C ARG A 31 3.03 -1.22 -14.22
N ASP A 32 3.15 -0.07 -13.57
CA ASP A 32 2.05 0.89 -13.51
C ASP A 32 2.12 1.81 -14.71
N LEU A 33 0.97 1.96 -15.39
CA LEU A 33 0.87 2.80 -16.57
C LEU A 33 -0.47 3.52 -16.55
N ASN A 34 -0.47 4.77 -16.98
CA ASN A 34 -1.69 5.57 -17.06
C ASN A 34 -2.11 5.84 -18.51
N CYS A 35 -1.40 5.28 -19.49
CA CYS A 35 -1.73 5.46 -20.89
C CYS A 35 -1.51 4.13 -21.61
N VAL A 36 -2.59 3.53 -22.09
CA VAL A 36 -2.51 2.29 -22.86
C VAL A 36 -3.27 2.48 -24.17
N PRO A 37 -2.58 2.68 -25.29
CA PRO A 37 -3.31 2.82 -26.57
C PRO A 37 -4.07 1.56 -26.97
N GLU A 38 -3.38 0.42 -27.05
CA GLU A 38 -4.01 -0.86 -27.33
C GLU A 38 -3.46 -1.90 -26.36
N ILE A 39 -4.36 -2.70 -25.78
CA ILE A 39 -3.96 -3.60 -24.70
C ILE A 39 -3.07 -4.72 -25.20
N ALA A 40 -3.28 -5.17 -26.44
CA ALA A 40 -2.52 -6.30 -26.96
C ALA A 40 -1.03 -5.95 -27.06
N ASP A 41 -0.71 -4.76 -27.56
CA ASP A 41 0.69 -4.37 -27.73
C ASP A 41 1.33 -4.01 -26.40
N THR A 42 0.61 -3.30 -25.54
CA THR A 42 1.18 -2.86 -24.27
C THR A 42 1.50 -4.06 -23.37
N LEU A 43 0.57 -5.00 -23.25
CA LEU A 43 0.79 -6.15 -22.38
C LEU A 43 1.96 -7.01 -22.87
N GLY A 44 2.20 -7.03 -24.17
CA GLY A 44 3.32 -7.80 -24.69
C GLY A 44 4.66 -7.15 -24.41
N ALA A 45 4.74 -5.82 -24.58
CA ALA A 45 5.98 -5.12 -24.29
C ALA A 45 6.30 -5.14 -22.81
N VAL A 46 5.28 -5.03 -21.96
CA VAL A 46 5.49 -5.13 -20.52
C VAL A 46 5.94 -6.54 -20.13
N ALA A 47 5.41 -7.55 -20.81
CA ALA A 47 5.82 -8.93 -20.53
C ALA A 47 7.24 -9.20 -21.03
N LYS A 48 7.62 -8.59 -22.15
CA LYS A 48 8.99 -8.76 -22.65
C LYS A 48 10.00 -8.19 -21.67
N GLN A 49 9.67 -7.07 -21.03
CA GLN A 49 10.58 -6.43 -20.09
C GLN A 49 10.69 -7.20 -18.77
N GLY A 50 9.79 -8.16 -18.51
CA GLY A 50 9.90 -9.02 -17.36
C GLY A 50 8.89 -8.80 -16.25
N PHE A 51 7.88 -7.96 -16.45
CA PHE A 51 6.90 -7.72 -15.41
C PHE A 51 5.86 -8.84 -15.41
N ASP A 52 5.29 -9.09 -14.22
CA ASP A 52 4.32 -10.16 -14.05
C ASP A 52 2.89 -9.69 -14.24
N PHE A 53 2.57 -8.44 -13.92
CA PHE A 53 1.24 -7.90 -14.11
C PHE A 53 1.35 -6.46 -14.57
N LEU A 54 0.20 -5.87 -14.91
CA LEU A 54 0.13 -4.53 -15.46
C LEU A 54 -0.96 -3.73 -14.76
N CYS A 55 -0.59 -2.56 -14.25
CA CYS A 55 -1.56 -1.63 -13.70
C CYS A 55 -1.97 -0.64 -14.77
N MET A 56 -3.26 -0.61 -15.10
CA MET A 56 -3.74 0.22 -16.19
C MET A 56 -5.18 0.62 -15.90
N PRO A 57 -5.63 1.76 -16.44
CA PRO A 57 -7.02 2.17 -16.21
C PRO A 57 -8.00 1.37 -17.06
N VAL A 58 -9.12 0.98 -16.44
CA VAL A 58 -10.12 0.21 -17.16
C VAL A 58 -10.94 1.10 -18.08
N PHE A 59 -11.21 2.33 -17.66
CA PHE A 59 -11.74 3.38 -18.51
C PHE A 59 -10.62 4.38 -18.82
N HIS A 60 -10.84 5.19 -19.85
CA HIS A 60 -9.82 6.17 -20.20
C HIS A 60 -9.70 7.21 -19.08
N PRO A 61 -8.46 7.57 -18.69
CA PRO A 61 -8.30 8.50 -17.56
C PRO A 61 -8.94 9.86 -17.80
N ARG A 62 -8.95 10.36 -19.03
CA ARG A 62 -9.51 11.66 -19.36
C ARG A 62 -10.93 11.57 -19.88
N PHE A 63 -11.56 10.39 -19.83
CA PHE A 63 -12.91 10.21 -20.35
C PHE A 63 -13.91 10.47 -19.23
N LYS A 64 -14.11 11.75 -18.93
CA LYS A 64 -15.05 12.13 -17.89
C LYS A 64 -16.47 11.91 -18.38
N ARG A 65 -17.29 11.27 -17.54
CA ARG A 65 -18.64 10.86 -17.92
C ARG A 65 -19.66 11.57 -17.03
N GLU A 66 -20.83 11.82 -17.61
CA GLU A 66 -21.93 12.45 -16.91
C GLU A 66 -23.07 11.45 -16.73
N PHE A 67 -23.68 11.45 -15.55
CA PHE A 67 -24.71 10.49 -15.20
C PHE A 67 -26.07 11.10 -14.91
N ILE A 68 -26.19 12.42 -14.84
CA ILE A 68 -27.45 13.03 -14.42
C ILE A 68 -27.91 14.08 -15.43
N GLN A 69 -27.06 15.08 -15.68
CA GLN A 69 -27.47 16.24 -16.47
C GLN A 69 -27.28 15.99 -17.96
N GLU A 70 -28.34 16.19 -18.72
CA GLU A 70 -28.29 16.08 -20.17
C GLU A 70 -27.69 17.34 -20.77
N PRO A 71 -27.16 17.26 -22.01
CA PRO A 71 -27.11 16.10 -22.91
C PRO A 71 -25.85 15.24 -22.72
N ALA A 72 -24.93 15.63 -21.84
CA ALA A 72 -23.72 14.85 -21.64
C ALA A 72 -24.01 13.48 -21.04
N LYS A 73 -25.19 13.30 -20.44
CA LYS A 73 -25.58 12.00 -19.91
C LYS A 73 -25.76 10.98 -21.02
N ASN A 74 -26.37 11.37 -22.13
CA ASN A 74 -26.69 10.47 -23.23
C ASN A 74 -25.55 10.40 -24.25
N ARG A 75 -24.33 10.25 -23.76
CA ARG A 75 -23.18 10.16 -24.65
C ARG A 75 -23.19 8.81 -25.38
N PRO A 76 -23.29 8.79 -26.70
CA PRO A 76 -23.37 7.52 -27.42
C PRO A 76 -22.02 6.82 -27.49
N GLY A 77 -22.06 5.59 -27.98
CA GLY A 77 -20.87 4.78 -28.13
C GLY A 77 -20.52 4.02 -26.87
N PRO A 78 -19.56 3.11 -26.97
CA PRO A 78 -19.12 2.38 -25.78
C PRO A 78 -18.38 3.28 -24.81
N GLN A 79 -18.53 2.97 -23.51
CA GLN A 79 -17.86 3.75 -22.48
C GLN A 79 -16.39 3.35 -22.31
N THR A 80 -16.00 2.17 -22.78
CA THR A 80 -14.61 1.74 -22.78
C THR A 80 -14.44 0.69 -23.86
N ARG A 81 -13.35 -0.07 -23.80
CA ARG A 81 -13.10 -1.11 -24.79
C ARG A 81 -13.65 -2.45 -24.33
N SER A 82 -13.82 -3.37 -25.29
CA SER A 82 -14.47 -4.64 -25.01
C SER A 82 -13.57 -5.55 -24.17
N ASP A 83 -14.20 -6.47 -23.44
CA ASP A 83 -13.47 -7.43 -22.63
C ASP A 83 -12.80 -8.50 -23.46
N LEU A 84 -13.26 -8.72 -24.70
CA LEU A 84 -12.73 -9.77 -25.56
C LEU A 84 -11.32 -9.49 -26.03
N LEU A 85 -10.74 -8.34 -25.70
CA LEU A 85 -9.37 -8.05 -26.09
C LEU A 85 -8.36 -8.91 -25.36
N LEU A 86 -8.76 -9.54 -24.24
CA LEU A 86 -7.90 -10.46 -23.52
C LEU A 86 -8.71 -11.68 -23.13
N SER A 87 -8.01 -12.75 -22.80
CA SER A 87 -8.68 -13.94 -22.28
C SER A 87 -9.05 -13.73 -20.82
N GLY A 88 -10.02 -14.52 -20.37
CA GLY A 88 -10.38 -14.50 -18.96
C GLY A 88 -9.20 -14.84 -18.06
N ARG A 89 -8.30 -15.69 -18.56
CA ARG A 89 -7.08 -16.01 -17.81
C ARG A 89 -6.16 -14.80 -17.71
N ASP A 90 -6.16 -13.93 -18.73
CA ASP A 90 -5.31 -12.75 -18.69
C ASP A 90 -5.85 -11.72 -17.71
N TRP A 91 -7.16 -11.46 -17.73
CA TRP A 91 -7.74 -10.49 -16.81
C TRP A 91 -7.58 -10.94 -15.36
N ASN A 92 -7.69 -12.24 -15.10
CA ASN A 92 -7.66 -12.72 -13.72
C ASN A 92 -6.26 -12.65 -13.10
N THR A 93 -5.21 -12.55 -13.93
CA THR A 93 -3.84 -12.68 -13.43
C THR A 93 -2.89 -11.60 -13.92
N LEU A 94 -3.22 -10.83 -14.96
CA LEU A 94 -2.28 -9.90 -15.54
C LEU A 94 -2.67 -8.44 -15.43
N ILE A 95 -3.94 -8.11 -15.29
CA ILE A 95 -4.42 -6.73 -15.33
C ILE A 95 -4.87 -6.33 -13.93
N VAL A 96 -4.28 -5.25 -13.41
CA VAL A 96 -4.70 -4.63 -12.16
C VAL A 96 -5.40 -3.33 -12.50
N GLY A 97 -6.64 -3.16 -12.03
CA GLY A 97 -7.41 -2.00 -12.37
C GLY A 97 -6.91 -0.74 -11.68
N LYS A 98 -7.32 0.40 -12.23
CA LYS A 98 -6.98 1.69 -11.68
C LYS A 98 -8.19 2.61 -11.79
N LEU A 99 -8.56 3.22 -10.66
CA LEU A 99 -9.65 4.19 -10.67
C LEU A 99 -9.25 5.40 -11.50
N SER A 100 -10.24 6.00 -12.16
CA SER A 100 -9.97 7.18 -12.97
C SER A 100 -9.57 8.35 -12.07
N PRO A 101 -8.57 9.15 -12.48
CA PRO A 101 -8.10 10.23 -11.60
C PRO A 101 -9.11 11.36 -11.43
N TRP A 102 -10.09 11.48 -12.32
CA TRP A 102 -11.08 12.53 -12.19
C TRP A 102 -12.20 12.17 -11.23
N ILE A 103 -12.19 10.95 -10.69
CA ILE A 103 -13.23 10.51 -9.77
C ILE A 103 -12.84 10.97 -8.37
N ARG A 104 -13.54 11.98 -7.85
CA ARG A 104 -13.31 12.52 -6.50
C ARG A 104 -14.62 12.38 -5.72
N PRO A 105 -14.83 11.26 -5.05
CA PRO A 105 -16.08 11.10 -4.27
C PRO A 105 -16.20 12.08 -3.12
N ASP A 106 -15.07 12.54 -2.57
CA ASP A 106 -15.06 13.45 -1.43
C ASP A 106 -14.95 14.92 -1.84
N SER A 107 -15.33 15.24 -3.07
CA SER A 107 -15.31 16.63 -3.52
C SER A 107 -16.29 17.46 -2.70
N LYS A 108 -16.10 18.78 -2.76
CA LYS A 108 -16.97 19.71 -2.06
C LYS A 108 -18.15 20.17 -2.89
N VAL A 109 -18.06 20.07 -4.22
CA VAL A 109 -19.19 20.33 -5.09
C VAL A 109 -20.08 19.09 -5.11
N GLU A 110 -21.37 19.28 -4.90
CA GLU A 110 -22.28 18.13 -4.85
C GLU A 110 -22.35 17.43 -6.19
N LYS A 111 -22.45 18.19 -7.29
CA LYS A 111 -22.51 17.57 -8.62
C LYS A 111 -21.30 16.70 -8.88
N ILE A 112 -20.12 17.12 -8.42
CA ILE A 112 -18.93 16.31 -8.62
C ILE A 112 -18.99 15.05 -7.77
N ARG A 113 -19.62 15.11 -6.59
CA ARG A 113 -19.78 13.91 -5.78
C ARG A 113 -20.70 12.90 -6.45
N ARG A 114 -21.89 13.34 -6.88
CA ARG A 114 -22.86 12.42 -7.46
C ARG A 114 -22.28 11.67 -8.65
N ASN A 115 -21.56 12.38 -9.53
CA ASN A 115 -20.94 11.72 -10.68
C ASN A 115 -19.78 10.84 -10.26
N SER A 116 -18.98 11.29 -9.29
CA SER A 116 -17.86 10.48 -8.82
C SER A 116 -18.34 9.21 -8.14
N GLU A 117 -19.48 9.27 -7.45
CA GLU A 117 -20.07 8.07 -6.88
C GLU A 117 -20.47 7.09 -7.99
N ALA A 118 -21.22 7.58 -8.97
CA ALA A 118 -21.67 6.72 -10.06
C ALA A 118 -20.50 6.24 -10.92
N ALA A 119 -19.49 7.10 -11.12
CA ALA A 119 -18.33 6.70 -11.92
C ALA A 119 -17.48 5.67 -11.19
N MET A 120 -17.34 5.82 -9.88
CA MET A 120 -16.59 4.83 -9.11
C MET A 120 -17.30 3.49 -9.11
N LEU A 121 -18.61 3.49 -8.90
CA LEU A 121 -19.39 2.25 -8.97
C LEU A 121 -19.32 1.65 -10.37
N GLN A 122 -19.36 2.50 -11.41
CA GLN A 122 -19.27 2.00 -12.77
C GLN A 122 -17.95 1.31 -13.03
N GLU A 123 -16.84 1.92 -12.57
CA GLU A 123 -15.53 1.33 -12.80
C GLU A 123 -15.27 0.13 -11.88
N LEU A 124 -15.77 0.18 -10.66
CA LEU A 124 -15.59 -0.96 -9.75
C LEU A 124 -16.39 -2.17 -10.20
N ASN A 125 -17.62 -1.94 -10.69
CA ASN A 125 -18.42 -3.05 -11.21
C ASN A 125 -17.80 -3.63 -12.48
N PHE A 126 -17.33 -2.75 -13.38
CA PHE A 126 -16.64 -3.23 -14.57
C PHE A 126 -15.33 -3.94 -14.20
N GLY A 127 -14.68 -3.53 -13.12
CA GLY A 127 -13.50 -4.25 -12.66
C GLY A 127 -13.84 -5.65 -12.21
N ALA A 128 -14.90 -5.80 -11.42
CA ALA A 128 -15.38 -7.11 -11.03
C ALA A 128 -15.99 -7.87 -12.21
N TYR A 129 -16.49 -7.14 -13.21
CA TYR A 129 -16.99 -7.80 -14.42
C TYR A 129 -15.85 -8.51 -15.16
N LEU A 130 -14.67 -7.90 -15.20
CA LEU A 130 -13.52 -8.55 -15.81
C LEU A 130 -12.86 -9.56 -14.89
N GLY A 131 -13.33 -9.68 -13.65
CA GLY A 131 -12.70 -10.58 -12.70
C GLY A 131 -11.27 -10.19 -12.38
N LEU A 132 -11.01 -8.89 -12.25
CA LEU A 132 -9.65 -8.42 -11.98
C LEU A 132 -9.24 -8.80 -10.56
N PRO A 133 -8.00 -9.26 -10.37
CA PRO A 133 -7.59 -9.69 -9.02
C PRO A 133 -7.40 -8.54 -8.05
N ALA A 134 -7.08 -7.34 -8.53
CA ALA A 134 -6.83 -6.21 -7.66
C ALA A 134 -7.31 -4.94 -8.34
N PHE A 135 -7.57 -3.92 -7.53
CA PHE A 135 -8.00 -2.62 -8.02
C PHE A 135 -7.30 -1.53 -7.22
N LEU A 136 -6.80 -0.52 -7.92
CA LEU A 136 -6.05 0.57 -7.32
C LEU A 136 -6.95 1.76 -7.08
N LEU A 137 -6.97 2.25 -5.84
CA LEU A 137 -7.71 3.46 -5.49
C LEU A 137 -6.81 4.39 -4.68
N PRO A 138 -6.86 5.69 -4.93
CA PRO A 138 -5.89 6.59 -4.30
C PRO A 138 -6.34 7.15 -2.95
N LEU A 139 -5.42 7.13 -1.99
CA LEU A 139 -5.57 7.85 -0.74
C LEU A 139 -4.63 9.04 -0.76
N ASN A 140 -5.00 10.05 -1.55
CA ASN A 140 -4.16 11.22 -1.78
C ASN A 140 -4.59 12.43 -0.97
N GLN A 141 -5.44 12.27 0.03
CA GLN A 141 -5.84 13.37 0.90
C GLN A 141 -6.32 12.79 2.22
N GLU A 142 -6.84 13.68 3.09
CA GLU A 142 -7.16 13.27 4.44
C GLU A 142 -8.56 12.68 4.54
N ASP A 143 -9.55 13.34 3.94
CA ASP A 143 -10.95 12.93 4.06
C ASP A 143 -11.30 12.06 2.86
N ASN A 144 -11.34 10.74 3.08
CA ASN A 144 -11.82 9.81 2.08
C ASN A 144 -13.05 9.06 2.57
N THR A 145 -13.89 9.74 3.35
CA THR A 145 -15.01 9.06 4.00
C THR A 145 -16.05 8.59 3.00
N ASN A 146 -16.50 9.48 2.10
CA ASN A 146 -17.47 9.06 1.10
C ASN A 146 -16.87 8.04 0.15
N LEU A 147 -15.56 8.13 -0.13
CA LEU A 147 -14.88 7.08 -0.87
C LEU A 147 -14.96 5.75 -0.14
N ALA A 148 -14.81 5.77 1.19
CA ALA A 148 -14.89 4.54 1.96
C ALA A 148 -16.29 3.94 1.92
N ARG A 149 -17.31 4.79 1.93
CA ARG A 149 -18.68 4.29 1.92
C ARG A 149 -19.02 3.61 0.60
N VAL A 150 -18.62 4.23 -0.52
CA VAL A 150 -18.93 3.66 -1.84
C VAL A 150 -18.22 2.32 -2.01
N LEU A 151 -16.95 2.24 -1.60
CA LEU A 151 -16.23 0.98 -1.68
C LEU A 151 -16.84 -0.07 -0.78
N THR A 152 -17.27 0.32 0.42
CA THR A 152 -17.91 -0.62 1.33
C THR A 152 -19.22 -1.13 0.74
N ASN A 153 -19.99 -0.25 0.09
CA ASN A 153 -21.22 -0.71 -0.56
C ASN A 153 -20.92 -1.68 -1.69
N HIS A 154 -19.83 -1.45 -2.42
CA HIS A 154 -19.44 -2.38 -3.48
C HIS A 154 -18.94 -3.69 -2.90
N ILE A 155 -18.29 -3.66 -1.73
CA ILE A 155 -17.82 -4.90 -1.13
C ILE A 155 -18.99 -5.73 -0.63
N HIS A 156 -20.00 -5.07 -0.04
CA HIS A 156 -21.20 -5.74 0.46
C HIS A 156 -22.25 -5.93 -0.64
N THR A 157 -21.84 -6.06 -1.89
CA THR A 157 -22.73 -6.36 -3.00
C THR A 157 -22.23 -7.65 -3.63
N GLY A 158 -22.92 -8.75 -3.35
CA GLY A 158 -22.45 -10.06 -3.76
C GLY A 158 -21.31 -10.54 -2.88
N HIS A 159 -20.77 -11.70 -3.24
CA HIS A 159 -19.65 -12.30 -2.53
C HIS A 159 -18.51 -12.50 -3.51
N HIS A 160 -17.46 -11.69 -3.38
CA HIS A 160 -16.27 -11.78 -4.20
C HIS A 160 -15.04 -11.73 -3.31
N SER A 161 -13.89 -12.06 -3.90
CA SER A 161 -12.63 -12.11 -3.16
C SER A 161 -11.55 -11.24 -3.77
N SER A 162 -11.90 -10.36 -4.71
CA SER A 162 -10.92 -9.49 -5.34
C SER A 162 -10.38 -8.49 -4.32
N MET A 163 -9.11 -8.12 -4.50
CA MET A 163 -8.45 -7.20 -3.59
C MET A 163 -8.59 -5.76 -4.07
N PHE A 164 -8.49 -4.84 -3.12
CA PHE A 164 -8.53 -3.41 -3.40
C PHE A 164 -7.28 -2.78 -2.81
N TRP A 165 -6.36 -2.37 -3.68
CA TRP A 165 -5.10 -1.78 -3.28
C TRP A 165 -5.27 -0.28 -3.14
N MET A 166 -5.06 0.23 -1.93
CA MET A 166 -5.18 1.66 -1.64
C MET A 166 -3.83 2.33 -1.91
N ARG A 167 -3.81 3.27 -2.84
CA ARG A 167 -2.58 3.99 -3.18
C ARG A 167 -2.39 5.13 -2.20
N VAL A 168 -1.43 4.97 -1.29
CA VAL A 168 -1.14 6.00 -0.29
C VAL A 168 0.38 6.21 -0.25
N PRO A 169 0.86 7.45 -0.31
CA PRO A 169 2.30 7.68 -0.31
C PRO A 169 2.90 7.65 1.09
N LEU A 170 4.19 7.31 1.14
CA LEU A 170 4.92 7.37 2.41
C LEU A 170 4.85 8.76 3.01
N VAL A 171 5.19 9.78 2.21
CA VAL A 171 5.10 11.17 2.62
C VAL A 171 4.05 11.86 1.76
N ALA A 172 3.26 12.72 2.38
CA ALA A 172 2.18 13.40 1.67
C ALA A 172 2.75 14.23 0.52
N PRO A 173 1.95 14.50 -0.51
CA PRO A 173 2.45 15.32 -1.62
C PRO A 173 2.77 16.76 -1.19
N GLU A 174 1.96 17.35 -0.31
CA GLU A 174 2.26 18.68 0.18
C GLU A 174 3.55 18.70 0.98
N ASP A 175 3.80 17.66 1.78
CA ASP A 175 5.03 17.55 2.54
C ASP A 175 6.21 17.14 1.67
N LEU A 176 6.01 16.93 0.37
CA LEU A 176 7.09 16.58 -0.54
C LEU A 176 7.32 17.65 -1.61
N ARG A 177 6.53 18.72 -1.62
CA ARG A 177 6.73 19.77 -2.60
C ARG A 177 8.03 20.54 -2.31
N ASP A 178 8.58 21.13 -3.37
CA ASP A 178 9.74 21.98 -3.22
C ASP A 178 9.32 23.38 -2.79
N ASP A 179 10.19 24.03 -2.01
CA ASP A 179 9.90 25.36 -1.49
C ASP A 179 10.19 26.40 -2.57
N ILE A 180 9.33 26.38 -3.59
CA ILE A 180 9.41 27.31 -4.71
C ILE A 180 8.43 28.46 -4.54
N ILE A 181 7.41 28.31 -3.70
CA ILE A 181 6.48 29.40 -3.40
C ILE A 181 7.12 30.33 -2.38
N GLU A 182 6.98 31.64 -2.59
CA GLU A 182 7.60 32.63 -1.72
C GLU A 182 6.69 33.11 -0.60
N ASN A 183 5.38 33.08 -0.80
CA ASN A 183 4.44 33.48 0.23
C ASN A 183 3.83 32.29 0.96
N ALA A 184 4.34 31.09 0.70
CA ALA A 184 3.87 29.87 1.39
C ALA A 184 5.05 28.94 1.56
N PRO A 185 5.94 29.23 2.51
CA PRO A 185 7.12 28.38 2.71
C PRO A 185 6.75 27.05 3.35
N THR A 186 7.69 26.11 3.27
CA THR A 186 7.49 24.77 3.82
C THR A 186 7.88 24.73 5.30
N SER A 193 3.76 14.40 14.90
CA SER A 193 2.59 13.68 14.41
C SER A 193 2.19 14.16 13.02
N GLY A 194 2.62 15.37 12.67
CA GLY A 194 2.33 15.92 11.36
C GLY A 194 3.04 15.20 10.22
N GLU A 195 4.13 14.50 10.52
CA GLU A 195 4.88 13.75 9.53
C GLU A 195 4.43 12.30 9.42
N GLU A 196 3.40 11.90 10.17
CA GLU A 196 2.78 10.58 10.05
C GLU A 196 1.38 10.67 9.47
N LYS A 197 1.06 11.77 8.79
CA LYS A 197 -0.33 12.04 8.41
C LYS A 197 -0.85 11.03 7.39
N THR A 198 0.03 10.44 6.58
CA THR A 198 -0.46 9.51 5.56
C THR A 198 -0.94 8.20 6.17
N TRP A 199 -0.36 7.77 7.29
CA TRP A 199 -0.83 6.55 7.93
C TRP A 199 -2.22 6.75 8.54
N MET A 200 -2.48 7.94 9.09
CA MET A 200 -3.81 8.24 9.60
C MET A 200 -4.84 8.28 8.48
N TRP A 201 -4.42 8.61 7.26
CA TRP A 201 -5.31 8.47 6.11
C TRP A 201 -5.75 7.03 5.94
N TRP A 202 -4.79 6.11 5.98
CA TRP A 202 -5.10 4.70 5.80
C TRP A 202 -5.85 4.13 7.00
N HIS A 203 -5.37 4.43 8.21
CA HIS A 203 -5.99 3.86 9.40
C HIS A 203 -7.45 4.25 9.51
N ASN A 204 -7.76 5.54 9.28
CA ASN A 204 -9.15 5.98 9.34
C ASN A 204 -9.99 5.44 8.19
N PHE A 205 -9.35 5.07 7.08
CA PHE A 205 -10.09 4.48 5.96
C PHE A 205 -10.47 3.04 6.26
N ARG A 206 -9.50 2.20 6.60
CA ARG A 206 -9.79 0.80 6.90
C ARG A 206 -10.75 0.67 8.08
N THR A 207 -10.74 1.64 9.00
CA THR A 207 -11.65 1.59 10.15
C THR A 207 -13.09 1.81 9.71
N LEU A 208 -13.32 2.75 8.80
CA LEU A 208 -14.65 2.94 8.24
C LEU A 208 -15.11 1.68 7.51
N CYS A 209 -14.21 1.01 6.82
CA CYS A 209 -14.51 -0.24 6.12
C CYS A 209 -14.43 -1.45 7.03
N ASP A 210 -14.29 -1.24 8.33
CA ASP A 210 -14.34 -2.31 9.33
C ASP A 210 -13.31 -3.40 9.07
N TYR A 211 -12.09 -2.98 8.71
CA TYR A 211 -10.96 -3.89 8.52
C TYR A 211 -11.28 -4.98 7.49
N SER A 212 -11.75 -4.55 6.32
CA SER A 212 -12.12 -5.51 5.29
C SER A 212 -10.90 -6.30 4.80
N LYS A 213 -11.09 -7.61 4.62
CA LYS A 213 -10.00 -8.46 4.17
C LYS A 213 -9.62 -8.20 2.72
N ARG A 214 -10.48 -7.53 1.97
CA ARG A 214 -10.24 -7.25 0.56
C ARG A 214 -9.55 -5.92 0.32
N ILE A 215 -9.17 -5.21 1.38
CA ILE A 215 -8.59 -3.88 1.28
C ILE A 215 -7.16 -3.94 1.81
N ALA A 216 -6.19 -3.70 0.94
CA ALA A 216 -4.77 -3.70 1.29
C ALA A 216 -4.16 -2.35 0.94
N VAL A 217 -2.87 -2.21 1.23
CA VAL A 217 -2.13 -0.97 1.03
C VAL A 217 -1.20 -1.14 -0.16
N ALA A 218 -1.22 -0.17 -1.08
CA ALA A 218 -0.24 -0.06 -2.15
C ALA A 218 0.68 1.10 -1.78
N LEU A 219 1.66 0.80 -0.93
CA LEU A 219 2.52 1.83 -0.36
C LEU A 219 3.38 2.47 -1.44
N GLU A 220 3.26 3.78 -1.59
CA GLU A 220 3.98 4.53 -2.61
C GLU A 220 5.21 5.18 -1.98
N ILE A 221 6.36 5.01 -2.62
CA ILE A 221 7.64 5.48 -2.10
C ILE A 221 8.02 6.78 -2.82
N GLY A 222 8.53 7.75 -2.07
CA GLY A 222 9.00 8.99 -2.62
C GLY A 222 10.52 9.10 -2.56
N ALA A 223 11.03 10.12 -3.25
CA ALA A 223 12.47 10.36 -3.26
C ALA A 223 12.96 10.75 -1.87
N ASP A 224 12.14 11.49 -1.12
CA ASP A 224 12.48 11.94 0.22
C ASP A 224 11.79 11.01 1.21
N LEU A 225 12.53 10.01 1.68
CA LEU A 225 12.00 9.03 2.62
C LEU A 225 11.72 9.70 3.97
N PRO A 226 10.75 9.18 4.74
CA PRO A 226 10.40 9.83 6.00
C PRO A 226 11.21 9.31 7.18
N SER A 227 10.70 9.51 8.39
CA SER A 227 11.32 9.00 9.59
C SER A 227 11.22 7.48 9.64
N ASN A 228 12.12 6.86 10.41
CA ASN A 228 12.00 5.43 10.66
C ASN A 228 10.76 5.09 11.49
N HIS A 229 10.24 6.06 12.24
CA HIS A 229 9.00 5.85 12.97
C HIS A 229 7.85 5.56 12.01
N VAL A 230 7.68 6.42 11.00
CA VAL A 230 6.63 6.21 10.00
C VAL A 230 6.87 4.92 9.25
N ILE A 231 8.13 4.63 8.92
CA ILE A 231 8.46 3.41 8.19
C ILE A 231 8.13 2.18 9.03
N ASP A 232 8.53 2.19 10.30
CA ASP A 232 8.24 1.06 11.18
C ASP A 232 6.75 0.89 11.40
N ARG A 233 5.98 1.97 11.30
CA ARG A 233 4.54 1.89 11.53
C ARG A 233 3.81 1.23 10.37
N TRP A 234 4.21 1.53 9.13
CA TRP A 234 3.59 0.90 7.98
C TRP A 234 3.85 -0.60 7.95
N LEU A 235 4.95 -1.04 8.56
CA LEU A 235 5.36 -2.44 8.44
C LEU A 235 4.28 -3.38 8.99
N GLY A 236 3.58 -2.97 10.04
CA GLY A 236 2.54 -3.80 10.61
C GLY A 236 1.26 -3.86 9.80
N GLU A 237 1.11 -2.99 8.78
CA GLU A 237 -0.08 -2.89 7.96
C GLU A 237 -0.04 -3.88 6.80
N PRO A 238 -1.21 -4.29 6.29
CA PRO A 238 -1.23 -5.23 5.16
C PRO A 238 -0.73 -4.61 3.86
N ILE A 239 0.57 -4.35 3.76
CA ILE A 239 1.18 -3.78 2.56
C ILE A 239 1.29 -4.90 1.53
N LYS A 240 0.39 -4.93 0.57
CA LYS A 240 0.44 -5.94 -0.48
C LYS A 240 1.31 -5.52 -1.65
N ALA A 241 1.38 -4.23 -1.93
CA ALA A 241 2.16 -3.72 -3.06
C ALA A 241 3.05 -2.56 -2.63
N ALA A 242 4.18 -2.42 -3.32
CA ALA A 242 5.13 -1.34 -3.09
C ALA A 242 5.39 -0.64 -4.41
N ILE A 243 4.99 0.62 -4.51
CA ILE A 243 5.09 1.38 -5.75
C ILE A 243 6.41 2.16 -5.75
N LEU A 244 7.23 1.93 -6.77
CA LEU A 244 8.55 2.56 -6.88
C LEU A 244 8.61 3.42 -8.14
N PRO A 245 8.54 4.74 -8.03
CA PRO A 245 8.69 5.60 -9.21
C PRO A 245 10.12 5.59 -9.71
N THR A 246 10.27 5.88 -11.00
CA THR A 246 11.60 5.95 -11.60
C THR A 246 12.37 7.19 -11.18
N SER A 247 11.68 8.21 -10.66
CA SER A 247 12.34 9.45 -10.26
C SER A 247 13.19 9.27 -9.01
N ILE A 248 12.99 8.19 -8.25
CA ILE A 248 13.76 7.98 -7.03
C ILE A 248 15.03 7.17 -7.27
N PHE A 249 15.23 6.64 -8.47
CA PHE A 249 16.40 5.82 -8.75
C PHE A 249 17.61 6.69 -9.01
N LEU A 250 18.74 6.35 -8.39
CA LEU A 250 19.98 7.03 -8.64
C LEU A 250 20.65 6.48 -9.90
N THR A 251 21.75 7.12 -10.30
CA THR A 251 22.50 6.74 -11.48
C THR A 251 23.95 6.50 -11.09
N ASN A 252 24.41 5.26 -11.24
CA ASN A 252 25.80 4.94 -10.96
C ASN A 252 26.69 5.42 -12.09
N LYS A 253 27.98 5.12 -11.99
CA LYS A 253 28.93 5.58 -13.00
C LYS A 253 28.60 4.99 -14.38
N LYS A 254 28.20 3.72 -14.41
CA LYS A 254 27.87 3.09 -15.69
C LYS A 254 26.60 3.68 -16.27
N GLY A 255 25.65 4.08 -15.42
CA GLY A 255 24.35 4.56 -15.85
C GLY A 255 23.19 3.68 -15.46
N PHE A 256 23.43 2.51 -14.90
CA PHE A 256 22.34 1.62 -14.49
C PHE A 256 21.63 2.22 -13.28
N PRO A 257 20.29 2.15 -13.25
CA PRO A 257 19.55 2.76 -12.12
C PRO A 257 19.79 2.00 -10.83
N VAL A 258 20.12 2.74 -9.77
CA VAL A 258 20.34 2.16 -8.45
C VAL A 258 19.55 2.97 -7.42
N LEU A 259 19.77 2.67 -6.14
CA LEU A 259 19.08 3.34 -5.05
C LEU A 259 20.08 3.81 -4.02
N SER A 260 19.62 4.70 -3.14
CA SER A 260 20.46 5.18 -2.05
C SER A 260 20.63 4.09 -0.99
N LYS A 261 21.51 4.35 -0.03
CA LYS A 261 21.72 3.42 1.07
C LYS A 261 20.51 3.34 2.00
N MET A 262 19.63 4.34 1.95
CA MET A 262 18.39 4.28 2.73
C MET A 262 17.31 3.50 1.98
N HIS A 263 17.17 3.73 0.68
CA HIS A 263 16.15 3.02 -0.10
C HIS A 263 16.44 1.52 -0.15
N GLN A 264 17.72 1.15 -0.21
CA GLN A 264 18.07 -0.26 -0.19
C GLN A 264 17.71 -0.91 1.13
N ARG A 265 17.89 -0.19 2.24
CA ARG A 265 17.47 -0.71 3.54
C ARG A 265 15.95 -0.84 3.62
N LEU A 266 15.21 0.00 2.89
CA LEU A 266 13.76 -0.11 2.84
C LEU A 266 13.33 -1.30 1.97
N ILE A 267 13.94 -1.45 0.80
CA ILE A 267 13.59 -2.56 -0.08
C ILE A 267 13.91 -3.89 0.58
N PHE A 268 15.01 -3.94 1.33
CA PHE A 268 15.39 -5.19 2.01
C PHE A 268 14.36 -5.60 3.04
N ARG A 269 13.86 -4.65 3.83
CA ARG A 269 12.83 -4.99 4.81
C ARG A 269 11.46 -5.20 4.16
N LEU A 270 11.26 -4.68 2.95
CA LEU A 270 10.03 -4.99 2.22
C LEU A 270 10.05 -6.42 1.69
N LEU A 271 11.22 -6.95 1.38
CA LEU A 271 11.32 -8.32 0.89
C LEU A 271 11.00 -9.33 1.98
N LYS A 272 11.23 -8.98 3.25
CA LYS A 272 10.85 -9.88 4.33
C LYS A 272 9.34 -10.01 4.44
N LEU A 273 8.60 -8.98 4.04
CA LEU A 273 7.15 -9.06 3.98
C LEU A 273 6.65 -9.74 2.72
N GLU A 274 7.52 -9.94 1.72
CA GLU A 274 7.17 -10.61 0.47
C GLU A 274 6.02 -9.89 -0.23
N VAL A 275 6.33 -8.70 -0.73
CA VAL A 275 5.35 -7.84 -1.37
C VAL A 275 5.63 -7.81 -2.86
N GLN A 276 4.65 -7.30 -3.62
CA GLN A 276 4.78 -7.12 -5.06
C GLN A 276 5.19 -5.67 -5.33
N PHE A 277 6.34 -5.50 -5.98
CA PHE A 277 6.85 -4.17 -6.28
C PHE A 277 6.28 -3.69 -7.61
N ILE A 278 5.90 -2.42 -7.65
CA ILE A 278 5.28 -1.81 -8.83
C ILE A 278 6.15 -0.63 -9.28
N ILE A 279 6.44 -0.58 -10.57
CA ILE A 279 7.26 0.47 -11.16
C ILE A 279 6.36 1.42 -11.92
N THR A 280 6.35 2.69 -11.53
CA THR A 280 5.56 3.72 -12.19
C THR A 280 6.47 4.80 -12.74
N GLY A 281 5.93 5.58 -13.66
CA GLY A 281 6.66 6.66 -14.29
C GLY A 281 7.37 6.22 -15.57
N THR A 282 7.72 7.21 -16.38
CA THR A 282 8.40 6.96 -17.65
C THR A 282 9.87 6.61 -17.41
N ASN A 283 10.59 6.35 -18.50
CA ASN A 283 11.99 5.96 -18.43
C ASN A 283 12.85 7.21 -18.45
N HIS A 284 13.50 7.48 -17.32
CA HIS A 284 14.46 8.57 -17.23
C HIS A 284 15.90 8.13 -17.45
N HIS A 285 16.18 6.84 -17.26
CA HIS A 285 17.46 6.26 -17.67
C HIS A 285 17.34 5.73 -19.11
N SER A 286 17.02 6.66 -20.02
CA SER A 286 16.75 6.29 -21.41
C SER A 286 17.96 5.70 -22.11
N GLU A 287 19.17 5.88 -21.56
CA GLU A 287 20.34 5.24 -22.13
C GLU A 287 20.25 3.73 -22.00
N LYS A 288 19.76 3.25 -20.87
CA LYS A 288 19.62 1.82 -20.61
C LYS A 288 18.20 1.37 -20.89
N GLU A 289 18.04 0.05 -21.05
CA GLU A 289 16.72 -0.53 -21.26
C GLU A 289 15.86 -0.34 -20.01
N PHE A 290 14.55 -0.25 -20.22
CA PHE A 290 13.65 0.01 -19.11
C PHE A 290 13.61 -1.15 -18.13
N CYS A 291 13.89 -2.37 -18.59
CA CYS A 291 13.91 -3.51 -17.68
C CYS A 291 15.10 -3.48 -16.73
N SER A 292 16.01 -2.50 -16.84
CA SER A 292 17.12 -2.39 -15.92
C SER A 292 16.66 -2.03 -14.52
N TYR A 293 15.59 -1.22 -14.40
CA TYR A 293 14.97 -0.98 -13.10
C TYR A 293 14.59 -2.30 -12.44
N LEU A 294 14.05 -3.22 -13.21
CA LEU A 294 13.62 -4.51 -12.67
C LEU A 294 14.82 -5.36 -12.26
N GLN A 295 15.87 -5.35 -13.09
CA GLN A 295 17.04 -6.18 -12.81
C GLN A 295 17.75 -5.75 -11.53
N TYR A 296 17.62 -4.48 -11.14
CA TYR A 296 18.23 -4.04 -9.89
C TYR A 296 17.48 -4.57 -8.68
N LEU A 297 16.17 -4.80 -8.82
CA LEU A 297 15.41 -5.38 -7.72
C LEU A 297 15.75 -6.85 -7.51
N GLU A 298 15.84 -7.62 -8.59
CA GLU A 298 16.29 -9.00 -8.47
C GLU A 298 17.73 -9.07 -8.01
N TYR A 299 18.52 -8.03 -8.30
CA TYR A 299 19.89 -7.96 -7.82
C TYR A 299 19.93 -7.90 -6.29
N LEU A 300 19.17 -6.97 -5.71
CA LEU A 300 19.15 -6.85 -4.25
C LEU A 300 18.52 -8.09 -3.60
N SER A 301 17.50 -8.67 -4.26
CA SER A 301 16.79 -9.79 -3.66
C SER A 301 17.71 -10.99 -3.46
N GLN A 302 18.55 -11.30 -4.44
CA GLN A 302 19.51 -12.37 -4.32
C GLN A 302 20.72 -11.99 -3.47
N ASN A 303 20.80 -10.73 -3.03
CA ASN A 303 21.87 -10.27 -2.16
C ASN A 303 21.41 -10.00 -0.74
N ARG A 304 20.19 -10.41 -0.39
CA ARG A 304 19.70 -10.26 0.97
C ARG A 304 20.56 -11.11 1.92
N PRO A 305 20.57 -10.77 3.21
CA PRO A 305 21.29 -11.61 4.17
C PRO A 305 20.78 -13.04 4.13
N PRO A 306 21.65 -14.01 4.35
CA PRO A 306 21.23 -15.42 4.26
C PRO A 306 20.05 -15.70 5.17
N PRO A 307 19.02 -16.38 4.66
CA PRO A 307 17.83 -16.63 5.48
C PRO A 307 18.16 -17.40 6.73
N ASN A 308 17.81 -16.82 7.88
CA ASN A 308 18.01 -17.50 9.16
C ASN A 308 17.34 -18.87 9.13
N ALA A 309 18.03 -19.87 9.68
CA ALA A 309 17.51 -21.23 9.67
C ALA A 309 16.12 -21.30 10.29
N TYR A 310 15.82 -20.41 11.24
CA TYR A 310 14.46 -20.31 11.77
C TYR A 310 13.49 -19.86 10.69
N GLU A 311 13.88 -18.86 9.89
CA GLU A 311 13.02 -18.40 8.80
C GLU A 311 12.89 -19.46 7.72
N LEU A 312 14.01 -20.10 7.36
CA LEU A 312 13.98 -21.11 6.31
C LEU A 312 13.13 -22.31 6.71
N PHE A 313 13.20 -22.71 7.98
CA PHE A 313 12.48 -23.90 8.42
C PHE A 313 11.00 -23.61 8.60
N ALA A 314 10.66 -22.54 9.33
CA ALA A 314 9.28 -22.19 9.60
C ALA A 314 8.59 -21.51 8.42
N LYS A 315 9.17 -21.60 7.22
CA LYS A 315 8.55 -20.99 6.05
C LYS A 315 7.23 -21.68 5.75
N GLY A 316 6.18 -20.88 5.57
CA GLY A 316 4.84 -21.40 5.40
C GLY A 316 3.98 -21.32 6.65
N TYR A 317 4.53 -20.84 7.76
CA TYR A 317 3.78 -20.67 9.00
C TYR A 317 3.70 -19.23 9.44
N GLU A 318 4.15 -18.28 8.61
CA GLU A 318 4.13 -16.88 9.00
C GLU A 318 2.71 -16.41 9.28
N ASP A 319 2.48 -15.96 10.51
CA ASP A 319 1.20 -15.41 10.95
C ASP A 319 0.05 -16.43 10.82
N TYR A 320 0.36 -17.72 10.77
CA TYR A 320 -0.65 -18.76 10.68
C TYR A 320 -1.06 -19.16 12.10
N LEU A 321 -2.30 -18.87 12.46
CA LEU A 321 -2.77 -19.14 13.82
C LEU A 321 -3.01 -20.63 14.01
N GLN A 322 -2.55 -21.16 15.14
CA GLN A 322 -2.76 -22.55 15.50
C GLN A 322 -3.24 -22.63 16.94
N SER A 323 -4.13 -23.58 17.20
CA SER A 323 -4.60 -23.78 18.57
C SER A 323 -3.48 -24.37 19.40
N PRO A 324 -3.24 -23.87 20.62
CA PRO A 324 -2.13 -24.38 21.43
C PRO A 324 -2.35 -25.83 21.82
N LEU A 325 -1.28 -26.62 21.71
CA LEU A 325 -1.35 -28.03 22.07
C LEU A 325 -1.61 -28.21 23.55
N GLN A 326 -2.36 -29.27 23.88
CA GLN A 326 -2.61 -29.67 25.26
C GLN A 326 -2.25 -31.15 25.39
N PRO A 327 -0.97 -31.45 25.56
CA PRO A 327 -0.56 -32.86 25.69
C PRO A 327 -1.08 -33.54 26.94
N LEU A 328 -1.62 -32.79 27.90
CA LEU A 328 -2.19 -33.38 29.11
C LEU A 328 -3.66 -33.77 28.91
N MET A 329 -4.43 -32.94 28.23
CA MET A 329 -5.84 -33.26 27.99
C MET A 329 -6.01 -34.13 26.76
N ASP A 330 -5.11 -34.02 25.79
CA ASP A 330 -5.20 -34.75 24.53
C ASP A 330 -4.00 -35.67 24.39
N ASN A 331 -4.11 -36.61 23.44
CA ASN A 331 -3.03 -37.53 23.09
C ASN A 331 -2.50 -37.12 21.72
N LEU A 332 -1.26 -36.67 21.67
CA LEU A 332 -0.71 -36.13 20.43
C LEU A 332 -0.53 -37.23 19.39
N GLU A 333 -0.75 -36.87 18.12
CA GLU A 333 -0.56 -37.80 17.02
C GLU A 333 0.93 -38.05 16.80
N SER A 334 1.22 -38.98 15.88
CA SER A 334 2.61 -39.36 15.65
C SER A 334 3.40 -38.23 15.00
N GLN A 335 2.86 -37.62 13.95
CA GLN A 335 3.54 -36.53 13.27
C GLN A 335 3.61 -35.26 14.11
N THR A 336 2.82 -35.16 15.18
CA THR A 336 3.02 -34.09 16.14
C THR A 336 4.32 -34.29 16.92
N TYR A 337 4.55 -35.52 17.40
CA TYR A 337 5.82 -35.84 18.03
C TYR A 337 6.98 -35.71 17.05
N GLU A 338 6.73 -35.93 15.76
CA GLU A 338 7.82 -35.89 14.78
C GLU A 338 8.35 -34.48 14.59
N VAL A 339 7.49 -33.47 14.74
CA VAL A 339 7.97 -32.09 14.68
C VAL A 339 8.74 -31.73 15.95
N PHE A 340 8.46 -32.39 17.07
CA PHE A 340 9.21 -32.12 18.29
C PHE A 340 10.67 -32.55 18.14
N GLU A 341 10.90 -33.70 17.50
CA GLU A 341 12.20 -34.35 17.47
C GLU A 341 13.09 -33.86 16.33
N LYS A 342 12.57 -33.04 15.41
CA LYS A 342 13.36 -32.52 14.30
C LYS A 342 14.27 -31.36 14.72
N ASP A 343 14.43 -31.12 16.01
CA ASP A 343 15.24 -30.01 16.51
C ASP A 343 16.42 -30.55 17.32
N PRO A 344 17.61 -30.65 16.73
CA PRO A 344 18.75 -31.17 17.49
C PRO A 344 19.23 -30.24 18.59
N ILE A 345 19.13 -28.92 18.39
CA ILE A 345 19.63 -27.97 19.38
C ILE A 345 18.85 -28.09 20.69
N LYS A 346 17.56 -28.39 20.60
CA LYS A 346 16.72 -28.47 21.80
C LYS A 346 17.16 -29.62 22.71
N TYR A 347 17.36 -30.81 22.14
CA TYR A 347 17.69 -31.97 22.95
C TYR A 347 19.16 -32.01 23.32
N SER A 348 20.05 -31.44 22.49
CA SER A 348 21.45 -31.35 22.87
C SER A 348 21.62 -30.50 24.12
N GLN A 349 20.82 -29.45 24.26
CA GLN A 349 20.81 -28.67 25.49
C GLN A 349 20.31 -29.50 26.65
N TYR A 350 19.31 -30.33 26.43
CA TYR A 350 18.84 -31.24 27.47
C TYR A 350 19.92 -32.25 27.83
N GLN A 351 20.58 -32.82 26.82
CA GLN A 351 21.69 -33.74 27.07
C GLN A 351 22.80 -33.05 27.86
N GLN A 352 23.14 -31.82 27.49
CA GLN A 352 24.18 -31.09 28.19
C GLN A 352 23.78 -30.77 29.62
N ALA A 353 22.49 -30.48 29.87
CA ALA A 353 22.04 -30.19 31.22
C ALA A 353 22.07 -31.43 32.09
N ILE A 354 21.66 -32.57 31.54
CA ILE A 354 21.75 -33.82 32.29
C ILE A 354 23.20 -34.24 32.47
N TYR A 355 24.04 -33.95 31.48
CA TYR A 355 25.46 -34.30 31.56
C TYR A 355 26.14 -33.59 32.72
N LYS A 356 25.88 -32.29 32.87
CA LYS A 356 26.49 -31.55 33.96
C LYS A 356 25.86 -31.92 35.31
N CYS A 357 24.59 -32.30 35.32
CA CYS A 357 23.95 -32.68 36.57
C CYS A 357 24.44 -34.04 37.06
N LEU A 358 24.82 -34.94 36.15
CA LEU A 358 25.37 -36.22 36.56
C LEU A 358 26.73 -36.05 37.23
N LEU A 359 27.60 -35.21 36.64
CA LEU A 359 28.93 -35.02 37.19
C LEU A 359 28.89 -34.35 38.57
N ASP A 360 27.87 -33.54 38.83
CA ASP A 360 27.78 -32.86 40.12
C ASP A 360 27.21 -33.75 41.23
N ARG A 361 26.48 -34.81 40.88
CA ARG A 361 25.85 -35.64 41.89
C ARG A 361 26.71 -36.84 42.29
N VAL A 362 27.41 -37.43 41.33
CA VAL A 362 28.28 -38.58 41.58
C VAL A 362 29.71 -38.15 41.31
N PRO A 363 30.63 -38.32 42.24
CA PRO A 363 32.03 -37.93 42.01
C PRO A 363 32.76 -38.97 41.17
N GLU A 364 34.05 -38.71 40.96
CA GLU A 364 34.85 -39.60 40.10
C GLU A 364 35.08 -40.94 40.76
N GLU A 365 35.26 -40.96 42.08
CA GLU A 365 35.48 -42.21 42.80
C GLU A 365 34.20 -43.04 42.94
N GLU A 366 33.03 -42.42 42.78
CA GLU A 366 31.76 -43.14 42.86
C GLU A 366 31.12 -43.35 41.50
N LYS A 367 31.90 -43.23 40.42
CA LYS A 367 31.34 -43.32 39.08
C LYS A 367 30.87 -44.73 38.73
N ASP A 368 31.39 -45.75 39.41
CA ASP A 368 31.00 -47.14 39.13
C ASP A 368 30.12 -47.74 40.21
N THR A 369 30.02 -47.11 41.39
CA THR A 369 29.21 -47.65 42.47
C THR A 369 27.88 -46.92 42.66
N ASN A 370 27.74 -45.72 42.11
CA ASN A 370 26.55 -44.90 42.29
C ASN A 370 25.77 -44.88 40.98
N VAL A 371 24.58 -45.46 41.00
CA VAL A 371 23.67 -45.47 39.87
C VAL A 371 22.53 -44.50 40.15
N GLN A 372 22.37 -43.51 39.28
CA GLN A 372 21.35 -42.50 39.44
C GLN A 372 20.02 -42.99 38.87
N VAL A 373 18.93 -42.52 39.48
CA VAL A 373 17.58 -42.90 39.09
C VAL A 373 16.98 -41.71 38.35
N LEU A 374 17.06 -41.73 37.02
CA LEU A 374 16.47 -40.69 36.18
C LEU A 374 15.06 -41.10 35.78
N MET A 375 14.15 -40.13 35.81
CA MET A 375 12.75 -40.36 35.46
C MET A 375 12.33 -39.30 34.44
N VAL A 376 12.26 -39.69 33.17
CA VAL A 376 11.73 -38.82 32.13
C VAL A 376 10.20 -38.79 32.29
N LEU A 377 9.68 -37.69 32.82
CA LEU A 377 8.25 -37.54 33.07
C LEU A 377 7.61 -36.91 31.84
N GLY A 378 6.98 -37.75 31.01
CA GLY A 378 6.51 -37.32 29.71
C GLY A 378 7.52 -37.62 28.63
N ALA A 379 7.79 -38.91 28.42
CA ALA A 379 8.85 -39.33 27.52
C ALA A 379 8.47 -39.25 26.05
N GLY A 380 7.18 -39.19 25.74
CA GLY A 380 6.75 -39.12 24.35
C GLY A 380 7.20 -40.33 23.59
N ARG A 381 7.94 -40.12 22.50
CA ARG A 381 8.52 -41.21 21.71
C ARG A 381 9.97 -41.46 22.08
N GLY A 382 10.41 -40.97 23.24
CA GLY A 382 11.75 -41.19 23.74
C GLY A 382 12.86 -40.41 23.07
N PRO A 383 12.74 -39.07 22.98
CA PRO A 383 13.91 -38.28 22.60
C PRO A 383 14.72 -37.88 23.83
N LEU A 384 14.04 -37.62 24.95
CA LEU A 384 14.74 -37.32 26.18
C LEU A 384 15.37 -38.57 26.79
N VAL A 385 14.77 -39.73 26.55
CA VAL A 385 15.38 -40.97 27.01
C VAL A 385 16.68 -41.24 26.28
N ASN A 386 16.69 -41.05 24.97
CA ASN A 386 17.93 -41.17 24.20
C ASN A 386 18.94 -40.10 24.61
N ALA A 387 18.45 -38.89 24.91
CA ALA A 387 19.37 -37.83 25.34
C ALA A 387 19.94 -38.12 26.72
N SER A 388 19.14 -38.71 27.61
CA SER A 388 19.65 -39.08 28.92
C SER A 388 20.67 -40.21 28.82
N LEU A 389 20.52 -41.08 27.82
CA LEU A 389 21.52 -42.13 27.60
C LEU A 389 22.82 -41.54 27.07
N ARG A 390 22.73 -40.62 26.11
CA ARG A 390 23.93 -39.96 25.60
C ARG A 390 24.59 -39.09 26.67
N ALA A 391 23.80 -38.52 27.57
CA ALA A 391 24.37 -37.76 28.68
C ALA A 391 25.04 -38.67 29.70
N ALA A 392 24.61 -39.93 29.78
CA ALA A 392 25.24 -40.88 30.69
C ALA A 392 26.56 -41.39 30.14
N LYS A 393 26.61 -41.68 28.84
CA LYS A 393 27.86 -42.12 28.23
C LYS A 393 28.89 -40.99 28.19
N GLN A 394 28.43 -39.77 27.91
CA GLN A 394 29.35 -38.63 27.87
C GLN A 394 29.92 -38.34 29.25
N ALA A 395 29.11 -38.51 30.29
CA ALA A 395 29.56 -38.30 31.66
C ALA A 395 30.22 -39.54 32.27
N ASP A 396 30.17 -40.68 31.57
CA ASP A 396 30.78 -41.93 32.05
C ASP A 396 30.21 -42.33 33.41
N ARG A 397 28.88 -42.22 33.54
CA ARG A 397 28.19 -42.54 34.79
C ARG A 397 27.06 -43.54 34.50
N ARG A 398 26.65 -44.23 35.57
CA ARG A 398 25.60 -45.24 35.47
C ARG A 398 24.26 -44.65 35.90
N ILE A 399 23.22 -44.96 35.13
CA ILE A 399 21.87 -44.44 35.37
C ILE A 399 20.86 -45.56 35.27
N LYS A 400 19.69 -45.31 35.85
CA LYS A 400 18.51 -46.19 35.73
C LYS A 400 17.34 -45.34 35.30
N LEU A 401 16.75 -45.66 34.16
CA LEU A 401 15.78 -44.79 33.50
C LEU A 401 14.35 -45.31 33.69
N TYR A 402 13.44 -44.41 34.03
CA TYR A 402 12.00 -44.65 34.01
C TYR A 402 11.40 -43.69 32.99
N ALA A 403 10.70 -44.24 32.00
CA ALA A 403 10.07 -43.45 30.94
C ALA A 403 8.57 -43.45 31.18
N VAL A 404 8.10 -42.44 31.92
CA VAL A 404 6.69 -42.31 32.24
C VAL A 404 6.01 -41.52 31.14
N GLU A 405 5.01 -42.13 30.50
CA GLU A 405 4.24 -41.49 29.44
C GLU A 405 2.80 -41.92 29.56
N LYS A 406 1.88 -40.95 29.49
CA LYS A 406 0.46 -41.26 29.64
C LYS A 406 -0.20 -41.62 28.31
N ASN A 407 0.33 -41.15 27.19
CA ASN A 407 -0.27 -41.40 25.89
C ASN A 407 -0.03 -42.86 25.50
N PRO A 408 -1.05 -43.72 25.53
CA PRO A 408 -0.80 -45.14 25.20
C PRO A 408 -0.36 -45.34 23.77
N ASN A 409 -0.78 -44.49 22.84
CA ASN A 409 -0.33 -44.61 21.46
C ASN A 409 1.17 -44.36 21.34
N ALA A 410 1.73 -43.54 22.24
CA ALA A 410 3.17 -43.29 22.25
C ALA A 410 3.92 -44.31 23.10
N VAL A 411 3.25 -44.91 24.09
CA VAL A 411 3.89 -45.97 24.88
C VAL A 411 4.24 -47.16 24.01
N VAL A 412 3.43 -47.42 22.97
CA VAL A 412 3.74 -48.48 22.02
C VAL A 412 5.11 -48.20 21.37
N THR A 413 5.41 -46.94 21.10
CA THR A 413 6.71 -46.60 20.54
C THR A 413 7.81 -46.75 21.58
N LEU A 414 7.53 -46.39 22.83
CA LEU A 414 8.54 -46.51 23.88
C LEU A 414 8.88 -47.96 24.17
N GLU A 415 7.87 -48.84 24.20
CA GLU A 415 8.12 -50.24 24.50
C GLU A 415 8.77 -50.96 23.33
N ASN A 416 8.48 -50.54 22.10
CA ASN A 416 9.23 -51.06 20.96
C ASN A 416 10.68 -50.61 21.02
N TRP A 417 10.92 -49.37 21.42
CA TRP A 417 12.29 -48.90 21.65
C TRP A 417 12.93 -49.63 22.82
N GLN A 418 12.16 -49.88 23.88
CA GLN A 418 12.72 -50.48 25.08
C GLN A 418 13.12 -51.94 24.84
N PHE A 419 12.40 -52.64 23.96
CA PHE A 419 12.70 -54.05 23.74
C PHE A 419 13.84 -54.23 22.74
N GLU A 420 13.86 -53.44 21.66
CA GLU A 420 14.80 -53.70 20.58
C GLU A 420 16.17 -53.11 20.85
N GLU A 421 16.24 -51.94 21.50
CA GLU A 421 17.49 -51.21 21.62
C GLU A 421 17.87 -50.93 23.07
N TRP A 422 17.01 -50.26 23.84
CA TRP A 422 17.40 -49.80 25.18
C TRP A 422 17.65 -50.97 26.12
N GLY A 423 16.79 -51.97 26.10
CA GLY A 423 16.93 -53.08 27.01
C GLY A 423 16.32 -52.79 28.37
N SER A 424 16.72 -53.59 29.35
CA SER A 424 16.19 -53.49 30.70
C SER A 424 16.65 -52.25 31.45
N GLN A 425 17.50 -51.41 30.83
CA GLN A 425 17.92 -50.19 31.50
C GLN A 425 16.77 -49.21 31.64
N VAL A 426 15.95 -49.08 30.60
CA VAL A 426 14.79 -48.18 30.59
C VAL A 426 13.56 -48.96 31.02
N THR A 427 12.77 -48.37 31.90
CA THR A 427 11.53 -48.98 32.39
C THR A 427 10.36 -48.11 31.95
N VAL A 428 9.67 -48.55 30.88
CA VAL A 428 8.54 -47.78 30.37
C VAL A 428 7.36 -47.91 31.33
N VAL A 429 6.81 -46.78 31.75
CA VAL A 429 5.69 -46.72 32.67
C VAL A 429 4.54 -46.00 31.96
N SER A 430 3.51 -46.75 31.59
CA SER A 430 2.35 -46.17 30.91
C SER A 430 1.34 -45.75 31.97
N SER A 431 1.59 -44.60 32.57
CA SER A 431 0.72 -44.06 33.59
C SER A 431 0.83 -42.53 33.58
N ASP A 432 0.02 -41.89 34.42
CA ASP A 432 0.10 -40.47 34.64
C ASP A 432 1.05 -40.22 35.81
N MET A 433 1.99 -39.29 35.61
CA MET A 433 3.01 -39.07 36.63
C MET A 433 2.39 -38.60 37.94
N ARG A 434 1.25 -37.91 37.88
CA ARG A 434 0.57 -37.48 39.08
C ARG A 434 -0.03 -38.64 39.87
N GLU A 435 -0.30 -39.77 39.19
CA GLU A 435 -0.90 -40.93 39.83
C GLU A 435 0.04 -42.11 39.99
N TRP A 436 1.14 -42.16 39.22
CA TRP A 436 2.02 -43.32 39.24
C TRP A 436 2.69 -43.48 40.59
N VAL A 437 2.55 -44.66 41.19
CA VAL A 437 3.23 -45.01 42.43
C VAL A 437 4.58 -45.61 42.04
N ALA A 438 5.63 -44.84 42.20
CA ALA A 438 6.96 -45.28 41.80
C ALA A 438 7.50 -46.31 42.80
N PRO A 439 8.26 -47.30 42.31
CA PRO A 439 8.87 -48.26 43.24
C PRO A 439 10.02 -47.67 44.04
N GLU A 440 10.66 -46.62 43.55
CA GLU A 440 11.76 -45.98 44.24
C GLU A 440 11.73 -44.49 43.92
N LYS A 441 12.53 -43.72 44.67
CA LYS A 441 12.61 -42.30 44.44
C LYS A 441 13.64 -41.97 43.35
N ALA A 442 13.54 -40.77 42.81
CA ALA A 442 14.32 -40.35 41.66
C ALA A 442 15.42 -39.38 42.06
N ASP A 443 16.59 -39.55 41.47
CA ASP A 443 17.66 -38.57 41.62
C ASP A 443 17.43 -37.36 40.72
N ILE A 444 16.99 -37.60 39.49
CA ILE A 444 16.73 -36.53 38.51
C ILE A 444 15.39 -36.82 37.84
N ILE A 445 14.61 -35.77 37.59
CA ILE A 445 13.40 -35.87 36.80
C ILE A 445 13.50 -34.88 35.64
N VAL A 446 13.33 -35.38 34.42
CA VAL A 446 13.48 -34.59 33.20
C VAL A 446 12.13 -34.52 32.50
N SER A 447 11.74 -33.32 32.08
CA SER A 447 10.44 -33.13 31.45
C SER A 447 10.54 -32.04 30.39
N GLU A 448 9.78 -32.20 29.31
CA GLU A 448 9.67 -31.16 28.31
C GLU A 448 8.20 -30.74 28.18
N LEU A 449 7.57 -30.47 29.33
CA LEU A 449 6.14 -30.19 29.35
C LEU A 449 5.85 -28.71 29.18
N LEU A 450 6.72 -28.03 28.44
CA LEU A 450 6.65 -26.58 28.30
C LEU A 450 6.12 -26.21 26.93
N GLY A 451 5.21 -25.24 26.90
CA GLY A 451 4.69 -24.69 25.67
C GLY A 451 5.28 -23.34 25.35
N SER A 452 4.57 -22.59 24.49
CA SER A 452 5.05 -21.28 24.09
C SER A 452 5.05 -20.32 25.26
N PHE A 453 4.04 -20.39 26.12
CA PHE A 453 3.94 -19.56 27.32
C PHE A 453 4.45 -20.27 28.56
N ALA A 454 5.43 -21.17 28.38
CA ALA A 454 6.05 -21.95 29.45
C ALA A 454 5.07 -22.88 30.14
N ASP A 455 4.15 -22.34 30.93
CA ASP A 455 3.26 -23.13 31.78
C ASP A 455 1.88 -23.36 31.15
N ASN A 456 1.72 -23.07 29.85
CA ASN A 456 0.41 -23.20 29.23
C ASN A 456 0.01 -24.66 28.98
N GLU A 457 0.91 -25.61 29.23
CA GLU A 457 0.59 -27.03 29.16
C GLU A 457 0.51 -27.66 30.54
N LEU A 458 0.38 -26.83 31.59
CA LEU A 458 0.20 -27.28 32.96
C LEU A 458 1.40 -28.09 33.46
N SER A 459 2.59 -27.72 33.01
CA SER A 459 3.81 -28.32 33.55
C SER A 459 3.97 -28.13 35.06
N PRO A 460 3.55 -27.00 35.66
CA PRO A 460 3.58 -26.94 37.13
C PRO A 460 2.73 -28.01 37.80
N GLU A 461 1.48 -28.18 37.37
CA GLU A 461 0.60 -29.14 38.03
C GLU A 461 1.06 -30.58 37.84
N CYS A 462 1.68 -30.88 36.70
CA CYS A 462 2.18 -32.24 36.48
C CYS A 462 3.39 -32.54 37.36
N LEU A 463 4.37 -31.63 37.38
CA LEU A 463 5.56 -31.85 38.18
C LEU A 463 5.25 -31.78 39.68
N ASP A 464 4.21 -31.03 40.06
CA ASP A 464 3.82 -30.99 41.47
C ASP A 464 3.22 -32.32 41.91
N GLY A 465 2.40 -32.94 41.05
CA GLY A 465 1.87 -34.26 41.38
C GLY A 465 2.94 -35.33 41.38
N ALA A 466 3.93 -35.21 40.49
CA ALA A 466 5.06 -36.13 40.43
C ALA A 466 6.15 -35.78 41.43
N GLN A 467 5.95 -34.74 42.24
CA GLN A 467 6.99 -34.25 43.12
C GLN A 467 7.24 -35.20 44.30
N HIS A 468 6.32 -36.13 44.57
CA HIS A 468 6.43 -36.92 45.78
C HIS A 468 7.50 -38.01 45.67
N PHE A 469 7.67 -38.61 44.49
CA PHE A 469 8.68 -39.64 44.33
C PHE A 469 10.04 -39.09 43.87
N LEU A 470 10.30 -37.82 44.16
CA LEU A 470 11.62 -37.23 43.96
C LEU A 470 12.33 -37.16 45.31
N LYS A 471 13.61 -37.53 45.32
CA LYS A 471 14.38 -37.51 46.56
C LYS A 471 14.44 -36.10 47.13
N ASP A 472 14.70 -36.02 48.44
CA ASP A 472 14.76 -34.73 49.10
C ASP A 472 15.84 -33.83 48.53
N ASP A 473 16.86 -34.41 47.89
CA ASP A 473 17.88 -33.67 47.17
C ASP A 473 17.76 -33.86 45.66
N GLY A 474 16.55 -34.12 45.18
CA GLY A 474 16.36 -34.39 43.78
C GLY A 474 16.37 -33.13 42.93
N VAL A 475 16.84 -33.28 41.70
CA VAL A 475 16.98 -32.17 40.75
C VAL A 475 15.91 -32.30 39.69
N SER A 476 15.24 -31.18 39.39
CA SER A 476 14.24 -31.12 38.33
C SER A 476 14.84 -30.43 37.12
N ILE A 477 14.74 -31.09 35.96
CA ILE A 477 15.21 -30.51 34.70
C ILE A 477 14.03 -30.38 33.76
N PRO A 478 13.56 -29.15 33.48
CA PRO A 478 14.09 -27.87 33.94
C PRO A 478 13.69 -27.56 35.38
N GLY A 479 14.45 -26.72 36.06
CA GLY A 479 14.13 -26.35 37.42
C GLY A 479 13.40 -25.03 37.53
N GLU A 480 13.28 -24.32 36.41
CA GLU A 480 12.63 -23.02 36.39
C GLU A 480 12.29 -22.65 34.96
N TYR A 481 11.11 -22.05 34.78
CA TYR A 481 10.76 -21.43 33.51
C TYR A 481 9.97 -20.15 33.79
N THR A 482 10.02 -19.23 32.82
CA THR A 482 9.40 -17.92 32.98
C THR A 482 8.81 -17.50 31.64
N SER A 483 7.59 -17.00 31.67
CA SER A 483 6.90 -16.54 30.47
C SER A 483 7.05 -15.03 30.34
N PHE A 484 7.19 -14.56 29.10
CA PHE A 484 7.40 -13.16 28.79
C PHE A 484 6.29 -12.65 27.89
N LEU A 485 5.90 -11.39 28.10
CA LEU A 485 4.83 -10.76 27.34
C LEU A 485 5.33 -9.49 26.68
N ALA A 486 4.83 -9.21 25.48
CA ALA A 486 5.21 -8.01 24.74
C ALA A 486 4.01 -7.49 23.96
N PRO A 487 3.60 -6.24 24.18
CA PRO A 487 2.50 -5.68 23.39
C PRO A 487 2.92 -5.52 21.93
N ILE A 488 2.05 -5.97 21.03
CA ILE A 488 2.35 -5.94 19.61
C ILE A 488 1.23 -5.23 18.87
N SER A 489 1.55 -4.79 17.65
CA SER A 489 0.61 -4.11 16.78
C SER A 489 0.63 -4.81 15.42
N SER A 490 -0.51 -5.38 15.03
CA SER A 490 -0.59 -6.08 13.75
C SER A 490 -2.06 -6.12 13.33
N SER A 491 -2.44 -5.19 12.44
CA SER A 491 -3.80 -5.20 11.92
C SER A 491 -4.09 -6.42 11.07
N LYS A 492 -3.04 -7.13 10.62
CA LYS A 492 -3.25 -8.38 9.89
C LYS A 492 -3.66 -9.50 10.85
N LEU A 493 -2.86 -9.71 11.91
CA LEU A 493 -3.17 -10.76 12.87
C LEU A 493 -4.51 -10.53 13.53
N TYR A 494 -4.82 -9.26 13.85
CA TYR A 494 -6.15 -8.95 14.40
C TYR A 494 -7.24 -9.31 13.40
N ASN A 495 -6.97 -9.11 12.11
CA ASN A 495 -7.97 -9.44 11.09
C ASN A 495 -8.14 -10.94 10.95
N GLU A 496 -7.08 -11.72 11.24
CA GLU A 496 -7.17 -13.17 11.13
C GLU A 496 -7.90 -13.77 12.33
N VAL A 497 -7.58 -13.32 13.54
CA VAL A 497 -8.35 -13.73 14.71
C VAL A 497 -9.81 -13.36 14.53
N ARG A 498 -10.07 -12.16 13.99
CA ARG A 498 -11.44 -11.72 13.74
C ARG A 498 -12.16 -12.66 12.77
N ALA A 499 -11.42 -13.33 11.90
CA ALA A 499 -11.99 -14.27 10.95
C ALA A 499 -12.19 -15.66 11.54
N CYS A 500 -11.74 -15.91 12.77
CA CYS A 500 -11.89 -17.21 13.40
C CYS A 500 -13.24 -17.39 14.09
N ARG A 501 -14.21 -16.54 13.81
CA ARG A 501 -15.54 -16.72 14.39
C ARG A 501 -16.18 -17.99 13.86
N GLU A 502 -16.81 -18.75 14.75
CA GLU A 502 -17.40 -20.02 14.39
C GLU A 502 -18.88 -20.05 14.78
N LYS A 503 -19.59 -20.98 14.17
CA LYS A 503 -21.00 -21.17 14.51
C LYS A 503 -21.13 -21.74 15.93
N ASP A 504 -22.32 -21.54 16.50
CA ASP A 504 -22.73 -22.21 17.73
C ASP A 504 -21.81 -21.91 18.92
N ARG A 505 -21.27 -20.70 18.99
CA ARG A 505 -20.48 -20.29 20.13
C ARG A 505 -20.48 -18.76 20.20
N ASP A 506 -19.85 -18.23 21.24
CA ASP A 506 -19.81 -16.79 21.44
C ASP A 506 -19.16 -16.12 20.22
N PRO A 507 -19.78 -15.10 19.64
CA PRO A 507 -19.20 -14.47 18.44
C PRO A 507 -17.87 -13.79 18.69
N GLU A 508 -17.55 -13.42 19.92
CA GLU A 508 -16.26 -12.83 20.26
C GLU A 508 -15.34 -13.80 20.99
N ALA A 509 -15.69 -15.09 21.01
CA ALA A 509 -14.88 -16.06 21.73
C ALA A 509 -13.49 -16.24 21.12
N GLN A 510 -13.33 -15.95 19.83
CA GLN A 510 -12.02 -16.10 19.20
C GLN A 510 -11.01 -15.12 19.76
N PHE A 511 -11.46 -13.97 20.27
CA PHE A 511 -10.55 -12.99 20.84
C PHE A 511 -10.12 -13.33 22.26
N GLU A 512 -10.76 -14.29 22.92
CA GLU A 512 -10.48 -14.64 24.30
C GLU A 512 -9.72 -15.96 24.42
N MET A 513 -8.85 -16.26 23.45
CA MET A 513 -8.08 -17.49 23.48
C MET A 513 -6.74 -17.24 22.82
N PRO A 514 -5.68 -17.86 23.31
CA PRO A 514 -4.36 -17.69 22.69
C PRO A 514 -4.16 -18.60 21.49
N TYR A 515 -3.24 -18.20 20.63
CA TYR A 515 -2.89 -18.96 19.43
C TYR A 515 -1.38 -19.09 19.35
N VAL A 516 -0.91 -20.30 19.06
CA VAL A 516 0.49 -20.52 18.75
C VAL A 516 0.72 -20.15 17.29
N VAL A 517 1.66 -19.23 17.05
CA VAL A 517 1.83 -18.66 15.72
C VAL A 517 3.24 -18.09 15.61
N ARG A 518 3.88 -18.35 14.47
CA ARG A 518 5.13 -17.68 14.14
C ARG A 518 4.82 -16.25 13.74
N LEU A 519 5.08 -15.31 14.63
CA LEU A 519 4.77 -13.91 14.37
C LEU A 519 5.66 -13.36 13.26
N HIS A 520 5.06 -12.66 12.31
CA HIS A 520 5.80 -12.11 11.18
C HIS A 520 5.40 -10.67 10.91
N ASN A 521 4.23 -10.48 10.29
CA ASN A 521 3.72 -9.14 9.98
C ASN A 521 3.13 -8.52 11.25
N PHE A 522 4.03 -8.04 12.11
CA PHE A 522 3.62 -7.43 13.36
C PHE A 522 4.67 -6.41 13.78
N HIS A 523 4.35 -5.66 14.83
CA HIS A 523 5.22 -4.60 15.33
C HIS A 523 5.23 -4.66 16.85
N GLN A 524 6.40 -4.97 17.42
CA GLN A 524 6.53 -5.02 18.87
C GLN A 524 6.57 -3.61 19.43
N LEU A 525 5.67 -3.32 20.37
CA LEU A 525 5.49 -1.97 20.88
C LEU A 525 6.32 -1.67 22.13
N SER A 526 6.93 -2.69 22.74
CA SER A 526 7.74 -2.49 23.94
C SER A 526 8.55 -3.75 24.17
N ALA A 527 9.60 -3.61 24.98
CA ALA A 527 10.48 -4.73 25.25
C ALA A 527 9.74 -5.81 26.04
N PRO A 528 10.02 -7.09 25.77
CA PRO A 528 9.34 -8.16 26.50
C PRO A 528 9.71 -8.15 27.97
N GLN A 529 8.69 -8.21 28.83
CA GLN A 529 8.86 -8.25 30.27
C GLN A 529 8.39 -9.60 30.82
N PRO A 530 8.99 -10.08 31.91
CA PRO A 530 8.58 -11.38 32.46
C PRO A 530 7.18 -11.32 33.05
N CYS A 531 6.51 -12.48 33.05
CA CYS A 531 5.15 -12.57 33.54
C CYS A 531 5.05 -13.57 34.69
N PHE A 532 4.92 -14.85 34.38
CA PHE A 532 4.80 -15.90 35.38
C PHE A 532 6.11 -16.65 35.50
N THR A 533 6.33 -17.24 36.68
CA THR A 533 7.55 -17.99 36.95
C THR A 533 7.24 -19.13 37.91
N PHE A 534 7.77 -20.31 37.60
CA PHE A 534 7.59 -21.51 38.40
C PHE A 534 8.94 -22.17 38.64
N SER A 535 9.11 -22.76 39.82
CA SER A 535 10.33 -23.43 40.22
C SER A 535 10.02 -24.84 40.69
N HIS A 536 10.83 -25.81 40.25
CA HIS A 536 10.64 -27.21 40.58
C HIS A 536 11.96 -27.80 41.06
N PRO A 537 11.97 -28.55 42.16
CA PRO A 537 10.83 -28.89 43.03
C PRO A 537 10.30 -27.70 43.83
N ASN A 538 8.99 -27.67 44.06
CA ASN A 538 8.35 -26.56 44.75
C ASN A 538 8.37 -26.86 46.26
N ARG A 539 9.36 -26.31 46.95
CA ARG A 539 9.50 -26.53 48.39
C ARG A 539 8.46 -25.78 49.21
N ASP A 540 7.59 -25.00 48.57
CA ASP A 540 6.60 -24.23 49.31
C ASP A 540 5.61 -25.18 49.98
N PRO A 541 5.30 -24.99 51.27
CA PRO A 541 4.29 -25.86 51.90
C PRO A 541 2.91 -25.69 51.30
N MET A 542 2.45 -24.45 51.15
CA MET A 542 1.16 -24.17 50.49
C MET A 542 1.46 -23.89 49.02
N ILE A 543 1.40 -24.94 48.21
CA ILE A 543 1.67 -24.83 46.79
C ILE A 543 0.48 -24.15 46.12
N ASP A 544 0.72 -23.03 45.45
CA ASP A 544 -0.31 -22.30 44.74
C ASP A 544 0.26 -21.86 43.40
N ASN A 545 -0.32 -22.37 42.32
CA ASN A 545 0.09 -22.01 40.97
C ASN A 545 -0.77 -20.91 40.37
N ASN A 546 -1.69 -20.33 41.14
CA ASN A 546 -2.43 -19.18 40.67
C ASN A 546 -1.55 -17.94 40.70
N ARG A 547 -1.66 -17.11 39.67
CA ARG A 547 -0.78 -15.96 39.51
C ARG A 547 -1.60 -14.72 39.18
N TYR A 548 -1.10 -13.58 39.65
CA TYR A 548 -1.60 -12.26 39.27
C TYR A 548 -0.40 -11.38 39.00
N CYS A 549 -0.27 -10.90 37.76
CA CYS A 549 0.88 -10.12 37.34
C CYS A 549 0.41 -8.87 36.62
N THR A 550 0.89 -7.71 37.05
CA THR A 550 0.59 -6.44 36.41
C THR A 550 1.84 -5.91 35.74
N LEU A 551 1.76 -5.63 34.44
CA LEU A 551 2.89 -5.16 33.66
C LEU A 551 2.57 -3.82 33.02
N GLU A 552 3.55 -2.93 33.02
CA GLU A 552 3.45 -1.63 32.36
C GLU A 552 4.49 -1.56 31.26
N PHE A 553 4.07 -1.16 30.07
CA PHE A 553 4.94 -1.16 28.89
C PHE A 553 5.07 0.24 28.33
N PRO A 554 6.25 0.86 28.43
CA PRO A 554 6.45 2.16 27.78
C PRO A 554 6.42 2.03 26.27
N VAL A 555 5.56 2.82 25.63
CA VAL A 555 5.41 2.82 24.18
C VAL A 555 5.80 4.20 23.69
N GLU A 556 6.99 4.32 23.12
CA GLU A 556 7.51 5.59 22.63
C GLU A 556 7.13 5.87 21.18
N VAL A 557 6.06 5.24 20.68
CA VAL A 557 5.57 5.47 19.32
C VAL A 557 4.05 5.52 19.34
N ASN A 558 3.51 6.19 18.34
CA ASN A 558 2.06 6.17 18.12
C ASN A 558 1.72 4.89 17.35
N THR A 559 0.70 4.18 17.81
CA THR A 559 0.35 2.89 17.24
C THR A 559 -1.05 2.49 17.70
N VAL A 560 -1.43 1.25 17.41
CA VAL A 560 -2.72 0.68 17.78
C VAL A 560 -2.48 -0.72 18.32
N LEU A 561 -2.79 -0.93 19.59
CA LEU A 561 -2.53 -2.21 20.23
C LEU A 561 -3.54 -3.25 19.79
N HIS A 562 -3.05 -4.40 19.32
CA HIS A 562 -3.90 -5.49 18.86
C HIS A 562 -3.79 -6.76 19.69
N GLY A 563 -2.66 -6.99 20.34
CA GLY A 563 -2.52 -8.19 21.15
C GLY A 563 -1.21 -8.17 21.90
N PHE A 564 -0.93 -9.28 22.58
CA PHE A 564 0.29 -9.42 23.37
C PHE A 564 0.97 -10.71 22.97
N ALA A 565 2.24 -10.60 22.55
CA ALA A 565 3.02 -11.78 22.20
C ALA A 565 3.53 -12.47 23.45
N GLY A 566 3.61 -13.80 23.38
CA GLY A 566 4.05 -14.59 24.51
C GLY A 566 5.23 -15.48 24.19
N TYR A 567 6.34 -15.25 24.89
CA TYR A 567 7.54 -16.05 24.79
C TYR A 567 7.80 -16.71 26.14
N PHE A 568 8.91 -17.45 26.23
CA PHE A 568 9.26 -18.05 27.50
C PHE A 568 10.76 -18.32 27.54
N GLU A 569 11.30 -18.31 28.75
CA GLU A 569 12.67 -18.73 29.03
C GLU A 569 12.63 -19.81 30.10
N THR A 570 13.51 -20.80 29.97
CA THR A 570 13.55 -21.88 30.93
C THR A 570 15.00 -22.24 31.25
N VAL A 571 15.23 -22.65 32.50
CA VAL A 571 16.55 -23.03 32.98
C VAL A 571 16.56 -24.53 33.15
N LEU A 572 17.23 -25.23 32.24
CA LEU A 572 17.35 -26.68 32.37
C LEU A 572 18.23 -27.04 33.57
N TYR A 573 19.44 -26.51 33.62
CA TYR A 573 20.35 -26.75 34.73
C TYR A 573 21.51 -25.76 34.70
N GLN A 574 21.61 -24.92 35.72
CA GLN A 574 22.71 -23.95 35.89
C GLN A 574 22.75 -23.04 34.67
N ASP A 575 23.83 -23.03 33.88
CA ASP A 575 23.95 -22.15 32.74
C ASP A 575 23.17 -22.64 31.52
N ILE A 576 22.79 -23.92 31.49
CA ILE A 576 22.08 -24.47 30.36
C ILE A 576 20.65 -23.94 30.37
N THR A 577 20.29 -23.19 29.32
CA THR A 577 18.98 -22.56 29.25
C THR A 577 18.43 -22.68 27.83
N LEU A 578 17.12 -22.57 27.73
CA LEU A 578 16.42 -22.48 26.46
C LEU A 578 15.53 -21.25 26.48
N SER A 579 15.27 -20.68 25.30
CA SER A 579 14.48 -19.46 25.24
C SER A 579 14.00 -19.24 23.81
N ILE A 580 12.72 -18.88 23.67
CA ILE A 580 12.20 -18.31 22.43
C ILE A 580 12.00 -16.81 22.54
N ARG A 581 12.37 -16.21 23.67
CA ARG A 581 12.36 -14.77 23.81
C ARG A 581 13.32 -14.14 22.82
N PRO A 582 12.89 -13.14 22.04
CA PRO A 582 13.71 -12.70 20.89
C PRO A 582 15.12 -12.25 21.26
N GLU A 583 15.29 -11.49 22.33
CA GLU A 583 16.63 -10.98 22.66
C GLU A 583 17.55 -12.06 23.21
N THR A 584 17.00 -13.14 23.79
CA THR A 584 17.80 -14.23 24.32
C THR A 584 17.46 -15.55 23.65
N HIS A 585 16.98 -15.49 22.40
CA HIS A 585 16.52 -16.68 21.69
C HIS A 585 17.66 -17.67 21.51
N SER A 586 17.41 -18.93 21.84
CA SER A 586 18.38 -19.98 21.64
C SER A 586 18.69 -20.11 20.16
N PRO A 587 19.95 -19.99 19.75
CA PRO A 587 20.27 -20.00 18.32
C PRO A 587 19.95 -21.34 17.68
N GLY A 588 19.13 -21.31 16.63
CA GLY A 588 18.83 -22.48 15.83
C GLY A 588 17.62 -23.27 16.30
N MET A 589 17.15 -23.05 17.52
CA MET A 589 16.03 -23.82 18.05
C MET A 589 14.73 -23.32 17.44
N PHE A 590 14.05 -24.20 16.71
CA PHE A 590 12.78 -23.86 16.06
C PHE A 590 11.62 -24.71 16.55
N SER A 591 11.72 -25.24 17.78
CA SER A 591 10.67 -26.12 18.28
C SER A 591 9.40 -25.34 18.60
N TRP A 592 9.53 -24.19 19.27
CA TRP A 592 8.40 -23.42 19.74
C TRP A 592 8.17 -22.18 18.88
N PHE A 593 6.92 -21.93 18.54
CA PHE A 593 6.47 -20.64 18.04
C PHE A 593 6.03 -19.77 19.21
N PRO A 594 6.00 -18.45 19.03
CA PRO A 594 5.43 -17.59 20.06
C PRO A 594 3.92 -17.76 20.15
N ILE A 595 3.38 -17.41 21.32
CA ILE A 595 1.94 -17.45 21.54
C ILE A 595 1.40 -16.03 21.46
N LEU A 596 0.09 -15.92 21.22
CA LEU A 596 -0.53 -14.62 20.95
C LEU A 596 -1.83 -14.51 21.73
N PHE A 597 -1.88 -13.55 22.66
CA PHE A 597 -3.12 -13.23 23.36
C PHE A 597 -3.75 -12.01 22.71
N PRO A 598 -4.90 -12.14 22.04
CA PRO A 598 -5.52 -10.99 21.39
C PRO A 598 -6.41 -10.21 22.33
N ILE A 599 -6.88 -9.06 21.84
CA ILE A 599 -7.84 -8.23 22.54
C ILE A 599 -9.02 -7.98 21.61
N LYS A 600 -10.22 -7.85 22.19
CA LYS A 600 -11.43 -7.69 21.40
C LYS A 600 -11.37 -6.44 20.53
N GLN A 601 -11.16 -5.29 21.16
CA GLN A 601 -11.12 -4.02 20.44
C GLN A 601 -9.70 -3.49 20.42
N PRO A 602 -9.18 -3.14 19.24
CA PRO A 602 -7.85 -2.54 19.18
C PRO A 602 -7.81 -1.21 19.92
N ILE A 603 -6.70 -0.97 20.61
CA ILE A 603 -6.54 0.19 21.49
C ILE A 603 -5.48 1.10 20.89
N THR A 604 -5.85 2.36 20.70
CA THR A 604 -4.91 3.35 20.18
C THR A 604 -3.96 3.79 21.29
N VAL A 605 -2.68 3.88 20.96
CA VAL A 605 -1.64 4.27 21.92
C VAL A 605 -0.82 5.40 21.31
N ARG A 606 -0.57 6.44 22.09
CA ARG A 606 0.22 7.58 21.64
C ARG A 606 1.65 7.46 22.13
N GLU A 607 2.50 8.34 21.61
CA GLU A 607 3.91 8.37 22.03
C GLU A 607 4.00 8.83 23.47
N GLY A 608 4.80 8.12 24.26
CA GLY A 608 4.98 8.43 25.67
C GLY A 608 4.03 7.70 26.60
N GLN A 609 2.85 7.32 26.10
CA GLN A 609 1.90 6.59 26.93
C GLN A 609 2.45 5.22 27.29
N THR A 610 1.89 4.64 28.36
CA THR A 610 2.31 3.35 28.87
C THR A 610 1.16 2.37 28.81
N ILE A 611 1.36 1.26 28.12
CA ILE A 611 0.39 0.18 28.06
C ILE A 611 0.48 -0.63 29.35
N CYS A 612 -0.62 -0.70 30.10
CA CYS A 612 -0.68 -1.45 31.35
C CYS A 612 -1.62 -2.64 31.15
N VAL A 613 -1.04 -3.84 31.15
CA VAL A 613 -1.80 -5.07 31.00
C VAL A 613 -1.67 -5.88 32.27
N ARG A 614 -2.71 -6.62 32.61
CA ARG A 614 -2.75 -7.45 33.80
C ARG A 614 -3.18 -8.85 33.40
N PHE A 615 -2.45 -9.85 33.87
CA PHE A 615 -2.70 -11.25 33.55
C PHE A 615 -2.96 -12.05 34.82
N TRP A 616 -3.91 -12.96 34.74
CA TRP A 616 -4.20 -13.88 35.83
C TRP A 616 -4.06 -15.31 35.33
N ARG A 617 -3.64 -16.20 36.23
CA ARG A 617 -3.60 -17.63 35.96
C ARG A 617 -4.56 -18.28 36.95
N CYS A 618 -5.81 -18.44 36.54
CA CYS A 618 -6.82 -19.04 37.39
C CYS A 618 -6.84 -20.56 37.22
N SER A 619 -7.47 -21.23 38.18
CA SER A 619 -7.56 -22.68 38.12
C SER A 619 -8.59 -23.16 39.12
N ASN A 620 -9.31 -24.21 38.74
CA ASN A 620 -10.13 -24.99 39.65
C ASN A 620 -9.62 -26.43 39.64
N SER A 621 -10.42 -27.34 40.20
CA SER A 621 -10.00 -28.74 40.28
C SER A 621 -9.91 -29.41 38.91
N LYS A 622 -10.64 -28.91 37.91
CA LYS A 622 -10.69 -29.53 36.58
C LYS A 622 -9.94 -28.75 35.52
N LYS A 623 -10.04 -27.42 35.53
CA LYS A 623 -9.52 -26.59 34.43
C LYS A 623 -8.54 -25.56 34.96
N VAL A 624 -7.65 -25.13 34.07
CA VAL A 624 -6.75 -24.00 34.31
C VAL A 624 -6.86 -23.07 33.11
N TRP A 625 -6.87 -21.77 33.35
CA TRP A 625 -7.04 -20.82 32.27
C TRP A 625 -6.38 -19.49 32.61
N TYR A 626 -6.18 -18.68 31.58
CA TYR A 626 -5.63 -17.34 31.70
C TYR A 626 -6.72 -16.30 31.51
N GLU A 627 -6.65 -15.22 32.28
CA GLU A 627 -7.49 -14.06 32.08
C GLU A 627 -6.59 -12.84 31.97
N TRP A 628 -6.94 -11.91 31.08
CA TRP A 628 -6.10 -10.75 30.89
C TRP A 628 -6.96 -9.54 30.56
N ALA A 629 -6.44 -8.36 30.90
CA ALA A 629 -7.15 -7.11 30.68
C ALA A 629 -6.14 -5.98 30.58
N VAL A 630 -6.43 -5.02 29.70
CA VAL A 630 -5.62 -3.81 29.56
C VAL A 630 -6.27 -2.72 30.39
N THR A 631 -5.45 -2.02 31.19
CA THR A 631 -5.96 -0.98 32.07
C THR A 631 -5.43 0.42 31.76
N ALA A 632 -4.43 0.55 30.89
CA ALA A 632 -3.91 1.86 30.50
C ALA A 632 -3.35 1.73 29.09
N PRO A 633 -3.50 2.76 28.24
CA PRO A 633 -4.11 4.08 28.48
C PRO A 633 -5.61 4.01 28.75
N VAL A 634 -6.34 3.15 28.05
CA VAL A 634 -7.75 2.93 28.33
C VAL A 634 -7.92 1.54 28.91
N CYS A 635 -9.15 1.22 29.31
CA CYS A 635 -9.47 -0.09 29.88
C CYS A 635 -10.16 -0.97 28.86
N SER A 636 -9.72 -2.21 28.76
CA SER A 636 -10.41 -3.22 27.97
C SER A 636 -11.26 -4.09 28.88
N ALA A 637 -12.04 -4.97 28.27
CA ALA A 637 -12.80 -5.92 29.04
C ALA A 637 -11.90 -7.05 29.51
N ILE A 638 -12.30 -7.70 30.62
CA ILE A 638 -11.54 -8.84 31.12
C ILE A 638 -11.77 -10.01 30.18
N HIS A 639 -10.70 -10.48 29.55
CA HIS A 639 -10.81 -11.51 28.52
C HIS A 639 -10.79 -12.90 29.13
N ASN A 640 -11.66 -13.77 28.61
CA ASN A 640 -11.81 -15.16 29.01
C ASN A 640 -12.12 -15.31 30.50
N PRO A 641 -13.18 -14.70 31.02
CA PRO A 641 -13.51 -14.91 32.43
C PRO A 641 -14.06 -16.30 32.68
N THR A 642 -13.67 -16.89 33.80
CA THR A 642 -14.02 -18.27 34.19
C THR A 642 -13.62 -19.29 33.14
N GLY A 643 -12.72 -18.93 32.23
CA GLY A 643 -12.40 -19.81 31.12
C GLY A 643 -13.59 -20.08 30.21
N ARG A 644 -14.50 -19.11 30.07
CA ARG A 644 -15.71 -19.33 29.28
C ARG A 644 -15.38 -19.61 27.83
N SER A 645 -14.27 -19.06 27.33
CA SER A 645 -13.88 -19.23 25.93
C SER A 645 -12.68 -20.12 25.74
N TYR A 646 -11.87 -20.33 26.77
CA TYR A 646 -10.65 -21.12 26.63
C TYR A 646 -10.25 -21.67 28.00
N THR A 647 -10.10 -22.99 28.08
CA THR A 647 -9.60 -23.64 29.28
C THR A 647 -8.54 -24.66 28.90
N ILE A 648 -7.63 -24.92 29.83
CA ILE A 648 -6.60 -25.94 29.68
C ILE A 648 -6.97 -27.11 30.58
N GLY A 649 -7.05 -28.30 30.02
CA GLY A 649 -7.55 -29.44 30.75
C GLY A 649 -6.51 -30.02 31.70
N LEU A 650 -6.94 -30.26 32.94
CA LEU A 650 -6.12 -31.00 33.89
C LEU A 650 -6.32 -32.51 33.70
N PRO B 22 -6.17 12.90 -48.98
CA PRO B 22 -4.82 13.43 -48.72
C PRO B 22 -3.82 12.34 -48.29
N PRO B 23 -2.53 12.59 -48.49
CA PRO B 23 -1.53 11.58 -48.16
C PRO B 23 -1.16 11.60 -46.69
N ASN B 24 -0.69 10.44 -46.22
CA ASN B 24 -0.31 10.21 -44.82
C ASN B 24 -1.40 10.72 -43.89
N ALA B 25 -2.65 10.71 -44.36
CA ALA B 25 -3.77 11.26 -43.63
C ALA B 25 -4.64 10.16 -43.08
N PRO B 26 -4.98 10.20 -41.80
CA PRO B 26 -5.89 9.19 -41.24
C PRO B 26 -7.21 9.16 -42.00
N ALA B 27 -7.70 7.95 -42.25
CA ALA B 27 -8.95 7.80 -42.99
C ALA B 27 -10.10 8.49 -42.27
N CYS B 28 -10.11 8.39 -40.94
CA CYS B 28 -11.12 9.04 -40.12
C CYS B 28 -10.46 9.58 -38.86
N MET B 29 -11.06 10.62 -38.29
CA MET B 29 -10.54 11.22 -37.09
C MET B 29 -11.41 10.84 -35.89
N GLU B 30 -10.78 10.75 -34.73
CA GLU B 30 -11.44 10.29 -33.52
C GLU B 30 -12.54 11.27 -33.12
N ARG B 31 -13.52 10.76 -32.37
CA ARG B 31 -14.75 11.53 -32.14
C ARG B 31 -14.52 12.69 -31.19
N GLN B 32 -13.70 12.49 -30.15
CA GLN B 32 -13.50 13.49 -29.12
C GLN B 32 -12.52 14.55 -29.63
N LEU B 33 -13.06 15.64 -30.17
CA LEU B 33 -12.25 16.79 -30.55
C LEU B 33 -11.80 17.53 -29.31
N GLU B 34 -10.49 17.65 -29.12
CA GLU B 34 -9.94 18.18 -27.88
C GLU B 34 -9.51 19.64 -27.98
N ALA B 35 -9.08 20.10 -29.16
CA ALA B 35 -8.58 21.45 -29.29
C ALA B 35 -8.90 22.00 -30.67
N ALA B 36 -8.95 23.34 -30.76
CA ALA B 36 -9.16 24.05 -32.01
C ALA B 36 -8.47 25.40 -31.92
N ARG B 37 -7.46 25.61 -32.75
CA ARG B 37 -6.67 26.83 -32.73
C ARG B 37 -6.62 27.42 -34.13
N TYR B 38 -6.83 28.74 -34.22
CA TYR B 38 -6.76 29.44 -35.49
C TYR B 38 -5.37 30.00 -35.71
N ARG B 39 -4.85 29.84 -36.92
CA ARG B 39 -3.60 30.44 -37.31
C ARG B 39 -3.83 31.87 -37.80
N SER B 40 -2.74 32.63 -37.95
CA SER B 40 -2.84 34.03 -38.34
C SER B 40 -3.50 34.18 -39.70
N ASP B 41 -3.23 33.26 -40.63
CA ASP B 41 -3.78 33.35 -41.97
C ASP B 41 -5.22 32.88 -42.06
N GLY B 42 -5.68 32.08 -41.09
CA GLY B 42 -7.04 31.58 -41.08
C GLY B 42 -7.17 30.07 -41.03
N ALA B 43 -6.07 29.32 -41.15
CA ALA B 43 -6.15 27.86 -41.09
C ALA B 43 -6.49 27.40 -39.68
N LEU B 44 -7.30 26.35 -39.58
CA LEU B 44 -7.77 25.84 -38.30
C LEU B 44 -7.01 24.58 -37.94
N LEU B 45 -6.33 24.60 -36.80
CA LEU B 45 -5.62 23.43 -36.28
C LEU B 45 -6.55 22.63 -35.38
N LEU B 46 -6.65 21.33 -35.65
CA LEU B 46 -7.54 20.45 -34.91
C LEU B 46 -6.74 19.38 -34.18
N GLY B 47 -7.26 18.98 -33.02
CA GLY B 47 -6.67 17.92 -32.23
C GLY B 47 -7.72 17.01 -31.63
N ALA B 48 -7.81 15.79 -32.13
CA ALA B 48 -8.79 14.82 -31.67
C ALA B 48 -8.08 13.64 -31.02
N SER B 49 -8.81 12.96 -30.13
CA SER B 49 -8.27 11.80 -29.43
C SER B 49 -9.40 10.81 -29.17
N SER B 50 -9.07 9.53 -29.21
CA SER B 50 -10.04 8.46 -28.98
C SER B 50 -10.04 8.11 -27.49
N LEU B 51 -11.12 8.45 -26.80
CA LEU B 51 -11.29 8.14 -25.39
C LEU B 51 -12.11 6.88 -25.16
N SER B 52 -12.46 6.17 -26.22
CA SER B 52 -13.26 4.95 -26.12
C SER B 52 -12.99 4.09 -27.35
N GLY B 53 -13.19 2.79 -27.17
CA GLY B 53 -12.95 1.83 -28.24
C GLY B 53 -11.67 1.05 -28.02
N ARG B 54 -11.35 0.22 -29.02
CA ARG B 54 -10.19 -0.66 -28.93
C ARG B 54 -8.90 0.14 -28.78
N CYS B 55 -8.74 1.18 -29.60
CA CYS B 55 -7.52 1.97 -29.64
C CYS B 55 -7.73 3.31 -28.96
N TRP B 56 -6.76 3.72 -28.15
CA TRP B 56 -6.76 4.99 -27.44
C TRP B 56 -5.57 5.82 -27.93
N ALA B 57 -5.80 6.64 -28.94
CA ALA B 57 -4.76 7.46 -29.55
C ALA B 57 -5.35 8.80 -29.97
N GLY B 58 -4.51 9.63 -30.59
CA GLY B 58 -4.93 10.94 -31.06
C GLY B 58 -4.42 11.21 -32.46
N SER B 59 -4.71 12.42 -32.93
CA SER B 59 -4.32 12.83 -34.28
C SER B 59 -4.17 14.33 -34.33
N LEU B 60 -3.59 14.81 -35.43
CA LEU B 60 -3.39 16.23 -35.69
C LEU B 60 -3.87 16.55 -37.10
N TRP B 61 -4.63 17.63 -37.25
CA TRP B 61 -5.25 17.98 -38.52
C TRP B 61 -5.06 19.46 -38.81
N LEU B 62 -4.93 19.78 -40.09
CA LEU B 62 -4.85 21.15 -40.56
C LEU B 62 -5.96 21.39 -41.57
N PHE B 63 -6.77 22.42 -41.34
CA PHE B 63 -7.89 22.78 -42.20
C PHE B 63 -7.71 24.22 -42.66
N LYS B 64 -7.12 24.39 -43.85
CA LYS B 64 -7.07 25.72 -44.45
C LYS B 64 -8.46 26.23 -44.76
N ASP B 65 -9.41 25.33 -45.00
CA ASP B 65 -10.82 25.67 -45.12
C ASP B 65 -11.52 25.30 -43.82
N PRO B 66 -11.85 26.28 -42.97
CA PRO B 66 -12.47 25.93 -41.68
C PRO B 66 -13.88 25.37 -41.82
N CYS B 67 -14.65 25.81 -42.81
CA CYS B 67 -16.03 25.37 -42.96
C CYS B 67 -16.14 23.92 -43.44
N ALA B 68 -15.03 23.26 -43.76
CA ALA B 68 -15.03 21.87 -44.17
C ALA B 68 -14.68 20.92 -43.02
N ALA B 69 -14.41 21.44 -41.84
CA ALA B 69 -14.08 20.62 -40.70
C ALA B 69 -15.35 20.08 -40.05
N PRO B 70 -15.29 18.88 -39.45
CA PRO B 70 -14.13 18.00 -39.31
C PRO B 70 -14.09 16.88 -40.37
N ASN B 71 -14.54 17.15 -41.59
CA ASN B 71 -14.51 16.13 -42.64
C ASN B 71 -13.07 15.82 -43.01
N GLU B 72 -12.67 14.55 -42.86
CA GLU B 72 -11.28 14.17 -43.07
C GLU B 72 -10.88 14.23 -44.53
N GLY B 73 -11.83 14.02 -45.45
CA GLY B 73 -11.51 14.06 -46.87
C GLY B 73 -11.23 15.44 -47.40
N PHE B 74 -11.61 16.48 -46.66
CA PHE B 74 -11.42 17.87 -47.07
C PHE B 74 -10.37 18.59 -46.23
N CYS B 75 -9.46 17.84 -45.60
CA CYS B 75 -8.42 18.44 -44.78
C CYS B 75 -7.20 18.77 -45.62
N SER B 76 -6.43 19.76 -45.15
CA SER B 76 -5.20 20.13 -45.85
C SER B 76 -4.07 19.16 -45.51
N ALA B 77 -3.88 18.88 -44.22
CA ALA B 77 -2.86 17.94 -43.77
C ALA B 77 -3.43 17.11 -42.64
N GLY B 78 -2.72 16.05 -42.28
CA GLY B 78 -3.16 15.18 -41.22
C GLY B 78 -2.13 14.14 -40.80
N VAL B 79 -2.17 13.76 -39.52
CA VAL B 79 -1.31 12.71 -39.00
C VAL B 79 -1.90 12.25 -37.68
N GLN B 80 -1.68 10.98 -37.33
CA GLN B 80 -2.14 10.42 -36.08
C GLN B 80 -0.95 10.20 -35.15
N THR B 81 -1.13 10.54 -33.89
CA THR B 81 -0.05 10.44 -32.91
C THR B 81 -0.06 9.08 -32.22
N GLU B 82 0.96 8.86 -31.40
CA GLU B 82 1.09 7.60 -30.68
C GLU B 82 -0.06 7.42 -29.68
N ALA B 83 -0.23 8.39 -28.79
CA ALA B 83 -1.29 8.38 -27.79
C ALA B 83 -2.32 9.47 -28.11
N GLY B 84 -3.05 9.91 -27.10
CA GLY B 84 -4.07 10.93 -27.28
C GLY B 84 -3.52 12.34 -27.17
N VAL B 85 -4.26 13.27 -27.76
CA VAL B 85 -3.94 14.70 -27.72
C VAL B 85 -4.76 15.33 -26.61
N ALA B 86 -4.09 15.67 -25.49
CA ALA B 86 -4.72 16.33 -24.36
C ALA B 86 -4.84 17.85 -24.56
N ASP B 87 -3.80 18.47 -25.09
CA ASP B 87 -3.81 19.90 -25.36
C ASP B 87 -2.71 20.22 -26.37
N LEU B 88 -2.99 21.15 -27.27
CA LEU B 88 -2.01 21.57 -28.27
C LEU B 88 -2.03 23.08 -28.40
N THR B 89 -1.04 23.61 -29.11
CA THR B 89 -0.91 25.04 -29.35
C THR B 89 0.05 25.25 -30.51
N TRP B 90 -0.14 26.37 -31.21
CA TRP B 90 0.75 26.72 -32.31
C TRP B 90 2.13 27.11 -31.79
N VAL B 91 3.15 26.72 -32.54
CA VAL B 91 4.51 27.21 -32.31
C VAL B 91 4.92 28.01 -33.55
N GLY B 92 4.50 29.25 -33.59
CA GLY B 92 4.75 30.09 -34.76
C GLY B 92 3.63 29.95 -35.79
N GLU B 93 4.00 29.58 -37.02
CA GLU B 93 3.05 29.42 -38.11
C GLU B 93 3.06 28.02 -38.71
N ARG B 94 3.96 27.15 -38.27
CA ARG B 94 4.03 25.79 -38.78
C ARG B 94 4.32 24.74 -37.72
N GLY B 95 4.72 25.12 -36.51
CA GLY B 95 4.98 24.16 -35.45
C GLY B 95 3.72 23.89 -34.64
N ILE B 96 3.57 22.65 -34.19
CA ILE B 96 2.43 22.21 -33.40
C ILE B 96 2.98 21.49 -32.17
N LEU B 97 2.87 22.14 -31.01
CA LEU B 97 3.27 21.52 -29.76
C LEU B 97 2.11 20.72 -29.19
N VAL B 98 2.38 19.48 -28.81
CA VAL B 98 1.34 18.54 -28.40
C VAL B 98 1.66 17.99 -27.02
N ALA B 99 0.67 17.98 -26.14
CA ALA B 99 0.77 17.34 -24.82
C ALA B 99 0.06 15.99 -24.88
N SER B 100 0.84 14.92 -24.85
CA SER B 100 0.33 13.58 -25.05
C SER B 100 0.05 12.89 -23.71
N ASP B 101 -0.86 11.92 -23.74
CA ASP B 101 -1.14 11.11 -22.55
C ASP B 101 0.04 10.25 -22.15
N SER B 102 0.98 9.99 -23.07
CA SER B 102 2.11 9.11 -22.82
C SER B 102 3.15 9.74 -21.89
N GLY B 103 2.89 10.94 -21.36
CA GLY B 103 3.88 11.64 -20.58
C GLY B 103 4.91 12.37 -21.38
N ALA B 104 4.69 12.56 -22.68
CA ALA B 104 5.65 13.20 -23.57
C ALA B 104 5.06 14.48 -24.14
N VAL B 105 5.91 15.49 -24.30
CA VAL B 105 5.55 16.71 -25.00
C VAL B 105 6.09 16.58 -26.41
N GLU B 106 5.19 16.48 -27.39
CA GLU B 106 5.58 16.31 -28.79
C GLU B 106 5.49 17.63 -29.52
N LEU B 107 6.45 17.87 -30.41
CA LEU B 107 6.42 19.03 -31.30
C LEU B 107 6.37 18.52 -32.73
N TRP B 108 5.32 18.92 -33.45
CA TRP B 108 5.14 18.57 -34.85
C TRP B 108 5.25 19.82 -35.70
N GLU B 109 5.83 19.67 -36.90
CA GLU B 109 6.04 20.79 -37.80
C GLU B 109 5.44 20.48 -39.17
N LEU B 110 4.85 21.51 -39.77
CA LEU B 110 4.36 21.41 -41.14
C LEU B 110 5.51 21.56 -42.12
N ASP B 111 5.46 20.77 -43.20
CA ASP B 111 6.47 20.91 -44.24
C ASP B 111 6.20 22.17 -45.06
N GLU B 112 7.14 22.47 -45.96
CA GLU B 112 7.00 23.66 -46.80
C GLU B 112 5.75 23.59 -47.67
N ASN B 113 5.38 22.39 -48.11
CA ASN B 113 4.14 22.23 -48.87
C ASN B 113 2.91 22.41 -48.00
N GLU B 114 3.06 22.32 -46.68
CA GLU B 114 1.95 22.38 -45.74
C GLU B 114 0.90 21.31 -46.05
N THR B 115 1.38 20.15 -46.51
CA THR B 115 0.54 18.99 -46.78
C THR B 115 0.82 17.81 -45.87
N LEU B 116 2.00 17.74 -45.25
CA LEU B 116 2.35 16.70 -44.30
C LEU B 116 2.66 17.33 -42.95
N ILE B 117 2.53 16.53 -41.90
CA ILE B 117 2.85 16.94 -40.53
C ILE B 117 3.90 15.98 -40.01
N VAL B 118 5.14 16.47 -39.89
CA VAL B 118 6.28 15.64 -39.53
C VAL B 118 6.60 15.86 -38.06
N SER B 119 6.92 14.77 -37.36
CA SER B 119 7.30 14.87 -35.96
C SER B 119 8.70 15.45 -35.82
N LYS B 120 8.83 16.51 -35.02
CA LYS B 120 10.14 17.10 -34.76
C LYS B 120 10.85 16.33 -33.65
N PHE B 121 10.32 16.40 -32.43
CA PHE B 121 10.86 15.63 -31.32
C PHE B 121 9.72 15.12 -30.45
N CYS B 122 10.01 14.04 -29.71
CA CYS B 122 9.05 13.41 -28.80
C CYS B 122 9.83 13.05 -27.54
N LYS B 123 9.75 13.91 -26.52
CA LYS B 123 10.52 13.76 -25.29
C LYS B 123 9.61 13.32 -24.15
N TYR B 124 9.84 12.13 -23.63
CA TYR B 124 9.07 11.57 -22.51
C TYR B 124 9.73 12.03 -21.21
N GLU B 125 9.26 13.15 -20.67
CA GLU B 125 9.81 13.70 -19.45
C GLU B 125 8.84 13.72 -18.27
N HIS B 126 7.54 13.75 -18.53
CA HIS B 126 6.55 13.65 -17.46
C HIS B 126 6.23 12.19 -17.18
N ASP B 127 5.96 11.90 -15.91
CA ASP B 127 5.65 10.55 -15.48
C ASP B 127 4.16 10.21 -15.56
N ASP B 128 3.32 11.17 -15.92
CA ASP B 128 1.88 10.93 -16.07
C ASP B 128 1.40 11.77 -17.26
N ILE B 129 0.08 11.88 -17.39
CA ILE B 129 -0.51 12.58 -18.54
C ILE B 129 -0.11 14.05 -18.50
N VAL B 130 0.39 14.55 -19.62
CA VAL B 130 0.69 15.97 -19.78
C VAL B 130 -0.62 16.68 -20.07
N SER B 131 -1.17 17.37 -19.08
CA SER B 131 -2.53 17.89 -19.16
C SER B 131 -2.63 19.25 -19.82
N THR B 132 -1.57 20.05 -19.80
CA THR B 132 -1.64 21.40 -20.34
C THR B 132 -0.26 21.84 -20.83
N VAL B 133 -0.26 22.67 -21.88
CA VAL B 133 0.96 23.21 -22.43
C VAL B 133 0.67 24.61 -22.95
N SER B 134 1.69 25.47 -22.90
CA SER B 134 1.55 26.85 -23.35
C SER B 134 2.90 27.37 -23.80
N VAL B 135 2.93 27.99 -24.98
CA VAL B 135 4.17 28.53 -25.52
C VAL B 135 4.39 29.93 -24.94
N LEU B 136 5.60 30.17 -24.46
CA LEU B 136 5.95 31.47 -23.90
C LEU B 136 6.07 32.52 -25.01
N SER B 137 6.07 33.79 -24.61
CA SER B 137 6.13 34.87 -25.58
C SER B 137 7.44 34.91 -26.34
N SER B 138 8.51 34.32 -25.80
CA SER B 138 9.78 34.30 -26.52
C SER B 138 9.75 33.39 -27.74
N GLY B 139 8.72 32.57 -27.90
CA GLY B 139 8.57 31.76 -29.09
C GLY B 139 9.42 30.50 -29.11
N THR B 140 10.53 30.51 -28.38
CA THR B 140 11.46 29.39 -28.34
C THR B 140 11.33 28.55 -27.08
N GLN B 141 10.43 28.93 -26.16
CA GLN B 141 10.25 28.21 -24.90
C GLN B 141 8.77 28.01 -24.64
N ALA B 142 8.45 26.97 -23.89
CA ALA B 142 7.08 26.64 -23.56
C ALA B 142 7.04 25.91 -22.22
N VAL B 143 5.97 26.14 -21.46
CA VAL B 143 5.76 25.49 -20.17
C VAL B 143 4.70 24.42 -20.33
N SER B 144 4.88 23.32 -19.60
CA SER B 144 3.95 22.19 -19.66
C SER B 144 3.58 21.78 -18.25
N GLY B 145 2.28 21.66 -18.00
CA GLY B 145 1.77 21.12 -16.76
C GLY B 145 1.25 19.71 -16.98
N SER B 146 1.33 18.89 -15.94
CA SER B 146 0.98 17.49 -16.08
C SER B 146 0.42 16.96 -14.77
N LYS B 147 -0.23 15.79 -14.86
CA LYS B 147 -0.79 15.13 -13.69
C LYS B 147 0.27 14.55 -12.77
N ASP B 148 1.54 14.58 -13.17
CA ASP B 148 2.64 14.11 -12.33
C ASP B 148 3.05 15.13 -11.26
N ILE B 149 2.27 16.20 -11.10
CA ILE B 149 2.58 17.28 -10.17
C ILE B 149 3.94 17.86 -10.51
N CYS B 150 4.07 18.41 -11.72
CA CYS B 150 5.34 18.96 -12.19
C CYS B 150 5.06 19.91 -13.33
N ILE B 151 5.66 21.10 -13.26
CA ILE B 151 5.65 22.06 -14.36
C ILE B 151 7.07 22.15 -14.92
N LYS B 152 7.20 22.00 -16.23
CA LYS B 152 8.49 21.99 -16.88
C LYS B 152 8.60 23.11 -17.90
N VAL B 153 9.72 23.80 -17.90
CA VAL B 153 10.02 24.85 -18.86
C VAL B 153 10.90 24.25 -19.95
N TRP B 154 10.39 24.22 -21.17
CA TRP B 154 11.05 23.55 -22.28
C TRP B 154 11.84 24.53 -23.13
N ASP B 155 12.85 24.00 -23.81
CA ASP B 155 13.57 24.71 -24.87
C ASP B 155 13.27 24.00 -26.18
N LEU B 156 12.40 24.60 -26.99
CA LEU B 156 12.00 24.01 -28.27
C LEU B 156 13.15 23.85 -29.24
N ALA B 157 14.21 24.65 -29.11
CA ALA B 157 15.34 24.54 -30.04
C ALA B 157 16.18 23.31 -29.72
N GLN B 158 16.67 23.20 -28.49
CA GLN B 158 17.53 22.11 -28.08
C GLN B 158 16.76 20.87 -27.64
N GLN B 159 15.43 20.94 -27.58
CA GLN B 159 14.58 19.79 -27.27
C GLN B 159 14.93 19.20 -25.90
N VAL B 160 15.14 20.07 -24.92
CA VAL B 160 15.50 19.65 -23.57
C VAL B 160 14.70 20.45 -22.55
N VAL B 161 14.43 19.82 -21.42
CA VAL B 161 13.75 20.49 -20.31
C VAL B 161 14.75 21.40 -19.60
N LEU B 162 14.47 22.70 -19.58
CA LEU B 162 15.36 23.63 -18.90
C LEU B 162 15.19 23.55 -17.39
N SER B 163 13.94 23.44 -16.92
CA SER B 163 13.68 23.40 -15.49
C SER B 163 12.46 22.54 -15.23
N SER B 164 12.47 21.85 -14.08
CA SER B 164 11.35 21.02 -13.65
C SER B 164 10.94 21.46 -12.25
N TYR B 165 9.76 22.04 -12.13
CA TYR B 165 9.27 22.60 -10.88
C TYR B 165 8.19 21.70 -10.28
N ARG B 166 8.32 21.43 -8.99
CA ARG B 166 7.30 20.69 -8.23
C ARG B 166 6.85 21.60 -7.09
N ALA B 167 6.01 22.58 -7.43
CA ALA B 167 5.49 23.51 -6.44
C ALA B 167 4.07 23.18 -6.00
N HIS B 168 3.30 22.50 -6.83
CA HIS B 168 1.95 22.10 -6.47
C HIS B 168 1.97 20.80 -5.65
N ALA B 169 0.81 20.46 -5.12
CA ALA B 169 0.62 19.21 -4.40
C ALA B 169 -0.39 18.30 -5.08
N ALA B 170 -1.04 18.76 -6.14
CA ALA B 170 -1.98 17.95 -6.90
C ALA B 170 -1.64 17.98 -8.38
N GLN B 171 -2.49 17.40 -9.21
CA GLN B 171 -2.24 17.39 -10.65
C GLN B 171 -2.42 18.80 -11.21
N VAL B 172 -1.45 19.24 -12.01
CA VAL B 172 -1.48 20.58 -12.59
C VAL B 172 -2.63 20.66 -13.59
N THR B 173 -3.55 21.59 -13.36
CA THR B 173 -4.76 21.68 -14.19
C THR B 173 -4.51 22.48 -15.47
N CYS B 174 -3.90 23.66 -15.36
CA CYS B 174 -3.76 24.54 -16.50
C CYS B 174 -2.57 25.47 -16.27
N VAL B 175 -1.77 25.66 -17.32
CA VAL B 175 -0.69 26.63 -17.33
C VAL B 175 -0.91 27.59 -18.50
N ALA B 176 -0.61 28.87 -18.28
CA ALA B 176 -0.86 29.90 -19.30
C ALA B 176 0.28 30.91 -19.26
N ALA B 177 0.92 31.12 -20.40
CA ALA B 177 2.05 32.03 -20.47
C ALA B 177 1.59 33.48 -20.54
N SER B 178 2.42 34.38 -20.01
CA SER B 178 2.13 35.79 -20.08
C SER B 178 2.22 36.27 -21.54
N PRO B 179 1.38 37.23 -21.94
CA PRO B 179 1.37 37.64 -23.35
C PRO B 179 2.70 38.22 -23.83
N HIS B 180 3.33 39.08 -23.03
CA HIS B 180 4.55 39.77 -23.47
C HIS B 180 5.72 39.61 -22.51
N LYS B 181 5.62 38.69 -21.54
CA LYS B 181 6.69 38.47 -20.58
C LYS B 181 7.21 37.04 -20.78
N ASP B 182 8.48 36.93 -21.20
CA ASP B 182 9.06 35.64 -21.56
C ASP B 182 9.31 34.74 -20.36
N SER B 183 9.17 35.24 -19.14
CA SER B 183 9.45 34.47 -17.94
C SER B 183 8.26 34.35 -17.01
N VAL B 184 7.12 34.94 -17.35
CA VAL B 184 5.94 34.94 -16.51
C VAL B 184 4.91 34.00 -17.12
N PHE B 185 4.32 33.15 -16.28
CA PHE B 185 3.24 32.27 -16.71
C PHE B 185 2.43 31.85 -15.49
N LEU B 186 1.13 31.70 -15.69
CA LEU B 186 0.24 31.27 -14.62
C LEU B 186 0.16 29.74 -14.56
N SER B 187 -0.37 29.25 -13.45
CA SER B 187 -0.62 27.83 -13.28
C SER B 187 -1.63 27.63 -12.17
N CYS B 188 -2.40 26.55 -12.29
CA CYS B 188 -3.36 26.18 -11.25
C CYS B 188 -3.46 24.67 -11.21
N SER B 189 -3.69 24.14 -10.01
CA SER B 189 -3.79 22.71 -9.80
C SER B 189 -4.99 22.42 -8.90
N GLU B 190 -5.24 21.13 -8.68
CA GLU B 190 -6.35 20.72 -7.82
C GLU B 190 -6.06 20.91 -6.34
N ASP B 191 -4.89 21.42 -5.98
CA ASP B 191 -4.60 21.81 -4.60
C ASP B 191 -5.16 23.18 -4.25
N ASN B 192 -6.06 23.70 -5.09
CA ASN B 192 -6.71 24.99 -4.90
C ASN B 192 -5.71 26.14 -4.89
N ARG B 193 -4.58 25.96 -5.58
CA ARG B 193 -3.55 26.96 -5.68
C ARG B 193 -3.54 27.57 -7.09
N ILE B 194 -3.40 28.89 -7.14
CA ILE B 194 -3.14 29.60 -8.38
C ILE B 194 -1.78 30.26 -8.23
N LEU B 195 -0.78 29.73 -8.93
CA LEU B 195 0.60 30.17 -8.79
C LEU B 195 0.97 31.09 -9.96
N LEU B 196 1.45 32.28 -9.62
CA LEU B 196 2.02 33.21 -10.60
C LEU B 196 3.53 33.02 -10.61
N TRP B 197 4.08 32.66 -11.76
CA TRP B 197 5.48 32.29 -11.87
C TRP B 197 6.31 33.42 -12.45
N ASP B 198 7.60 33.39 -12.13
CA ASP B 198 8.57 34.35 -12.67
C ASP B 198 9.95 33.73 -12.46
N THR B 199 10.45 33.07 -13.50
CA THR B 199 11.73 32.37 -13.42
C THR B 199 12.90 33.29 -13.13
N ARG B 200 12.70 34.61 -13.17
CA ARG B 200 13.77 35.53 -12.79
C ARG B 200 13.98 35.57 -11.28
N CYS B 201 12.99 35.15 -10.49
CA CYS B 201 13.11 35.11 -9.05
C CYS B 201 13.79 33.82 -8.59
N PRO B 202 14.47 33.84 -7.44
CA PRO B 202 15.00 32.58 -6.89
C PRO B 202 13.90 31.59 -6.55
N LYS B 203 12.81 32.05 -5.93
CA LYS B 203 11.60 31.27 -5.76
C LYS B 203 10.56 31.76 -6.76
N PRO B 204 10.51 31.15 -7.95
CA PRO B 204 9.70 31.75 -9.02
C PRO B 204 8.20 31.75 -8.76
N ALA B 205 7.69 30.78 -8.00
CA ALA B 205 6.26 30.66 -7.79
C ALA B 205 5.80 31.59 -6.66
N SER B 206 4.63 32.18 -6.84
CA SER B 206 4.04 33.05 -5.83
C SER B 206 2.53 32.81 -5.83
N GLN B 207 2.01 32.25 -4.75
CA GLN B 207 0.60 31.91 -4.67
C GLN B 207 -0.26 33.17 -4.62
N ILE B 208 -1.20 33.27 -5.55
CA ILE B 208 -2.08 34.44 -5.65
C ILE B 208 -3.53 33.99 -5.53
N GLY B 209 -4.46 34.87 -5.90
CA GLY B 209 -5.86 34.56 -5.85
C GLY B 209 -6.50 34.96 -4.53
N CYS B 210 -7.74 34.53 -4.37
CA CYS B 210 -8.48 34.82 -3.14
C CYS B 210 -7.80 34.13 -1.97
N SER B 211 -7.53 34.91 -0.91
CA SER B 211 -6.90 34.35 0.28
C SER B 211 -7.77 33.25 0.90
N ALA B 212 -9.08 33.45 0.89
CA ALA B 212 -9.98 32.40 1.36
C ALA B 212 -10.04 31.29 0.31
N PRO B 213 -9.80 30.04 0.68
CA PRO B 213 -9.82 28.95 -0.31
C PRO B 213 -11.23 28.73 -0.84
N GLY B 214 -11.38 28.89 -2.15
CA GLY B 214 -12.63 28.63 -2.84
C GLY B 214 -12.65 27.25 -3.47
N TYR B 215 -13.41 27.12 -4.54
CA TYR B 215 -13.45 25.87 -5.27
C TYR B 215 -12.21 25.75 -6.16
N LEU B 216 -11.98 24.54 -6.65
CA LEU B 216 -10.74 24.25 -7.36
C LEU B 216 -10.69 25.02 -8.68
N PRO B 217 -9.57 25.67 -9.00
CA PRO B 217 -9.45 26.33 -10.31
C PRO B 217 -9.33 25.31 -11.43
N THR B 218 -9.80 25.70 -12.62
CA THR B 218 -9.86 24.77 -13.74
C THR B 218 -9.28 25.36 -15.02
N SER B 219 -9.39 26.67 -15.21
CA SER B 219 -8.96 27.31 -16.44
C SER B 219 -8.31 28.65 -16.13
N LEU B 220 -7.43 29.10 -17.03
CA LEU B 220 -6.71 30.35 -16.88
C LEU B 220 -6.63 31.05 -18.25
N ALA B 221 -6.63 32.37 -18.21
CA ALA B 221 -6.55 33.17 -19.44
C ALA B 221 -6.12 34.58 -19.08
N TRP B 222 -4.90 34.95 -19.50
CA TRP B 222 -4.44 36.33 -19.35
C TRP B 222 -5.31 37.27 -20.20
N HIS B 223 -5.33 38.53 -19.81
CA HIS B 223 -5.98 39.53 -20.64
C HIS B 223 -5.05 39.94 -21.77
N PRO B 224 -5.53 40.02 -23.02
CA PRO B 224 -4.63 40.25 -24.15
C PRO B 224 -4.00 41.62 -24.18
N GLN B 225 -4.47 42.56 -23.35
CA GLN B 225 -3.93 43.92 -23.31
C GLN B 225 -3.26 44.23 -21.98
N GLN B 226 -3.99 44.15 -20.88
CA GLN B 226 -3.44 44.47 -19.56
C GLN B 226 -2.58 43.30 -19.09
N SER B 227 -1.27 43.55 -18.96
CA SER B 227 -0.33 42.50 -18.57
C SER B 227 -0.50 42.04 -17.13
N GLU B 228 -1.40 42.67 -16.36
CA GLU B 228 -1.60 42.34 -14.97
C GLU B 228 -2.96 41.71 -14.69
N VAL B 229 -3.83 41.64 -15.69
CA VAL B 229 -5.21 41.16 -15.52
C VAL B 229 -5.34 39.79 -16.16
N PHE B 230 -6.02 38.88 -15.45
CA PHE B 230 -6.32 37.56 -15.98
C PHE B 230 -7.63 37.07 -15.36
N VAL B 231 -8.25 36.11 -16.03
CA VAL B 231 -9.48 35.49 -15.56
C VAL B 231 -9.22 34.03 -15.30
N PHE B 232 -10.05 33.44 -14.43
CA PHE B 232 -9.96 32.02 -14.14
C PHE B 232 -11.35 31.50 -13.77
N GLY B 233 -11.66 30.30 -14.26
CA GLY B 233 -12.91 29.63 -13.95
C GLY B 233 -12.66 28.42 -13.07
N ASP B 234 -13.61 28.13 -12.19
CA ASP B 234 -13.49 27.05 -11.22
C ASP B 234 -14.34 25.87 -11.63
N GLU B 235 -14.32 24.83 -10.79
CA GLU B 235 -15.12 23.63 -11.00
C GLU B 235 -16.61 23.84 -10.75
N ASN B 236 -16.98 24.93 -10.09
CA ASN B 236 -18.38 25.20 -9.76
C ASN B 236 -19.08 26.05 -10.83
N GLY B 237 -18.36 26.49 -11.85
CA GLY B 237 -18.96 27.26 -12.93
C GLY B 237 -18.86 28.76 -12.81
N THR B 238 -18.00 29.26 -11.92
CA THR B 238 -17.86 30.69 -11.70
C THR B 238 -16.61 31.20 -12.42
N VAL B 239 -16.80 32.24 -13.24
CA VAL B 239 -15.70 32.93 -13.91
C VAL B 239 -15.37 34.18 -13.11
N SER B 240 -14.10 34.33 -12.73
CA SER B 240 -13.66 35.44 -11.89
C SER B 240 -12.70 36.33 -12.66
N LEU B 241 -12.77 37.62 -12.35
CA LEU B 241 -11.87 38.63 -12.91
C LEU B 241 -10.89 39.05 -11.83
N VAL B 242 -9.60 38.85 -12.09
CA VAL B 242 -8.57 39.02 -11.08
C VAL B 242 -7.43 39.86 -11.67
N ASP B 243 -6.94 40.80 -10.87
CA ASP B 243 -5.78 41.61 -11.20
C ASP B 243 -4.60 41.11 -10.36
N THR B 244 -3.44 40.92 -11.01
CA THR B 244 -2.30 40.36 -10.29
C THR B 244 -1.76 41.34 -9.25
N LYS B 245 -1.76 42.64 -9.56
CA LYS B 245 -1.33 43.63 -8.58
C LYS B 245 -2.22 43.62 -7.34
N SER B 246 -3.51 43.37 -7.52
CA SER B 246 -4.40 43.14 -6.38
C SER B 246 -4.24 41.69 -5.90
N THR B 247 -4.74 41.43 -4.69
CA THR B 247 -4.70 40.10 -4.10
C THR B 247 -6.09 39.64 -3.67
N SER B 248 -7.12 40.20 -4.30
CA SER B 248 -8.50 39.81 -4.05
C SER B 248 -9.29 39.96 -5.34
N CYS B 249 -10.43 39.26 -5.39
CA CYS B 249 -11.21 39.20 -6.61
C CYS B 249 -11.69 40.59 -7.01
N VAL B 250 -11.42 40.96 -8.26
CA VAL B 250 -11.95 42.22 -8.78
C VAL B 250 -13.43 42.08 -9.10
N LEU B 251 -13.82 40.95 -9.68
CA LEU B 251 -15.19 40.70 -10.08
C LEU B 251 -15.34 39.21 -10.38
N SER B 252 -16.55 38.69 -10.15
CA SER B 252 -16.83 37.30 -10.46
C SER B 252 -18.28 37.18 -10.91
N SER B 253 -18.58 36.10 -11.61
CA SER B 253 -19.92 35.87 -12.13
C SER B 253 -20.14 34.37 -12.33
N ALA B 254 -21.30 33.90 -11.91
CA ALA B 254 -21.67 32.49 -12.09
C ALA B 254 -22.21 32.32 -13.51
N VAL B 255 -21.41 31.73 -14.39
CA VAL B 255 -21.72 31.64 -15.80
C VAL B 255 -22.26 30.28 -16.19
N HIS B 256 -21.63 29.20 -15.70
CA HIS B 256 -21.98 27.85 -16.09
C HIS B 256 -22.47 27.07 -14.88
N SER B 257 -23.17 25.97 -15.16
CA SER B 257 -23.68 25.08 -14.14
C SER B 257 -22.73 23.93 -13.82
N GLN B 258 -21.64 23.78 -14.57
CA GLN B 258 -20.67 22.72 -14.32
C GLN B 258 -19.27 23.33 -14.41
N CYS B 259 -18.25 22.45 -14.39
CA CYS B 259 -16.87 22.90 -14.37
C CYS B 259 -16.51 23.65 -15.65
N VAL B 260 -15.85 24.80 -15.48
CA VAL B 260 -15.42 25.62 -16.62
C VAL B 260 -14.16 25.01 -17.22
N THR B 261 -14.23 24.68 -18.51
CA THR B 261 -13.12 23.99 -19.19
C THR B 261 -12.07 24.95 -19.73
N GLY B 262 -12.49 26.04 -20.35
CA GLY B 262 -11.55 26.97 -20.94
C GLY B 262 -12.08 28.39 -20.96
N LEU B 263 -11.15 29.33 -21.18
CA LEU B 263 -11.47 30.74 -21.30
C LEU B 263 -10.60 31.34 -22.39
N VAL B 264 -11.23 31.98 -23.37
CA VAL B 264 -10.54 32.56 -24.51
C VAL B 264 -11.03 33.98 -24.73
N PHE B 265 -10.11 34.90 -25.00
CA PHE B 265 -10.42 36.29 -25.26
C PHE B 265 -10.46 36.58 -26.76
N SER B 266 -11.39 37.45 -27.15
CA SER B 266 -11.51 37.82 -28.55
C SER B 266 -10.37 38.75 -28.95
N PRO B 267 -10.00 38.78 -30.23
CA PRO B 267 -8.90 39.64 -30.68
C PRO B 267 -9.26 41.10 -30.85
N HIS B 268 -10.41 41.54 -30.34
CA HIS B 268 -10.81 42.93 -30.45
C HIS B 268 -9.90 43.82 -29.60
N SER B 269 -9.99 45.13 -29.84
CA SER B 269 -9.30 46.09 -28.99
C SER B 269 -9.84 46.00 -27.57
N VAL B 270 -11.14 46.23 -27.40
CA VAL B 270 -11.83 45.91 -26.15
C VAL B 270 -12.32 44.47 -26.27
N PRO B 271 -11.66 43.51 -25.64
CA PRO B 271 -11.92 42.10 -25.93
C PRO B 271 -13.05 41.50 -25.13
N PHE B 272 -13.77 40.59 -25.78
CA PHE B 272 -14.78 39.76 -25.13
C PHE B 272 -14.13 38.49 -24.60
N LEU B 273 -14.86 37.78 -23.73
CA LEU B 273 -14.36 36.56 -23.10
C LEU B 273 -15.29 35.42 -23.45
N ALA B 274 -14.74 34.39 -24.08
CA ALA B 274 -15.50 33.19 -24.46
C ALA B 274 -15.27 32.10 -23.41
N SER B 275 -16.34 31.72 -22.71
CA SER B 275 -16.28 30.71 -21.68
C SER B 275 -16.99 29.45 -22.16
N LEU B 276 -16.40 28.29 -21.85
CA LEU B 276 -16.93 27.00 -22.25
C LEU B 276 -16.76 26.03 -21.11
N SER B 277 -17.74 25.16 -20.91
CA SER B 277 -17.79 24.29 -19.73
C SER B 277 -18.25 22.90 -20.13
N GLU B 278 -18.38 22.04 -19.13
CA GLU B 278 -18.88 20.68 -19.31
C GLU B 278 -20.40 20.61 -19.35
N ASP B 279 -21.10 21.73 -19.19
CA ASP B 279 -22.55 21.76 -19.33
C ASP B 279 -22.99 21.90 -20.78
N CYS B 280 -22.09 21.62 -21.72
CA CYS B 280 -22.40 21.58 -23.15
C CYS B 280 -22.87 22.94 -23.67
N SER B 281 -22.40 24.02 -23.04
CA SER B 281 -22.82 25.37 -23.41
C SER B 281 -21.60 26.25 -23.64
N LEU B 282 -21.83 27.31 -24.40
CA LEU B 282 -20.82 28.32 -24.70
C LEU B 282 -21.38 29.69 -24.35
N ALA B 283 -20.55 30.53 -23.73
CA ALA B 283 -20.96 31.86 -23.31
C ALA B 283 -19.89 32.87 -23.65
N VAL B 284 -20.32 34.08 -24.01
CA VAL B 284 -19.44 35.19 -24.33
C VAL B 284 -19.84 36.37 -23.46
N LEU B 285 -18.94 36.78 -22.57
CA LEU B 285 -19.20 37.87 -21.64
C LEU B 285 -18.39 39.11 -22.03
N ASP B 286 -18.82 40.25 -21.50
CA ASP B 286 -18.14 41.51 -21.75
C ASP B 286 -17.07 41.71 -20.67
N SER B 287 -16.56 42.93 -20.52
CA SER B 287 -15.54 43.21 -19.52
C SER B 287 -16.09 43.14 -18.10
N SER B 288 -17.40 43.33 -17.93
CA SER B 288 -18.04 43.23 -16.63
C SER B 288 -18.59 41.83 -16.35
N LEU B 289 -18.16 40.84 -17.12
CA LEU B 289 -18.61 39.44 -16.98
C LEU B 289 -20.12 39.32 -17.11
N SER B 290 -20.74 40.19 -17.90
CA SER B 290 -22.15 40.13 -18.20
C SER B 290 -22.37 39.38 -19.50
N GLU B 291 -23.37 38.49 -19.52
CA GLU B 291 -23.56 37.61 -20.66
C GLU B 291 -24.09 38.38 -21.86
N LEU B 292 -23.43 38.22 -23.00
CA LEU B 292 -23.87 38.81 -24.25
C LEU B 292 -24.19 37.79 -25.33
N PHE B 293 -23.77 36.53 -25.17
CA PHE B 293 -24.05 35.49 -26.15
C PHE B 293 -24.02 34.14 -25.46
N ARG B 294 -24.92 33.25 -25.87
CA ARG B 294 -25.03 31.92 -25.31
C ARG B 294 -25.39 30.95 -26.42
N SER B 295 -24.77 29.77 -26.41
CA SER B 295 -25.00 28.80 -27.48
C SER B 295 -24.96 27.39 -26.90
N GLN B 296 -26.08 26.68 -26.99
CA GLN B 296 -26.15 25.25 -26.67
C GLN B 296 -26.00 24.39 -27.91
N ALA B 297 -25.16 24.81 -28.85
CA ALA B 297 -25.04 24.08 -30.11
C ALA B 297 -24.44 22.70 -29.92
N HIS B 298 -23.57 22.54 -28.91
CA HIS B 298 -22.94 21.26 -28.64
C HIS B 298 -23.88 20.35 -27.85
N ARG B 299 -23.72 19.05 -28.07
CA ARG B 299 -24.44 18.03 -27.31
C ARG B 299 -23.55 17.30 -26.32
N ASP B 300 -22.27 17.63 -26.26
CA ASP B 300 -21.35 17.02 -25.30
C ASP B 300 -20.47 18.12 -24.73
N PHE B 301 -19.35 17.75 -24.13
CA PHE B 301 -18.46 18.73 -23.51
C PHE B 301 -17.85 19.64 -24.57
N VAL B 302 -17.80 20.94 -24.27
CA VAL B 302 -17.12 21.91 -25.12
C VAL B 302 -15.68 22.01 -24.65
N ARG B 303 -14.74 21.66 -25.53
CA ARG B 303 -13.34 21.49 -25.13
C ARG B 303 -12.47 22.69 -25.48
N ASP B 304 -12.69 23.32 -26.64
CA ASP B 304 -11.87 24.46 -27.03
C ASP B 304 -12.73 25.45 -27.79
N ALA B 305 -12.21 26.68 -27.92
CA ALA B 305 -12.88 27.73 -28.65
C ALA B 305 -11.82 28.68 -29.18
N THR B 306 -11.95 29.07 -30.45
CA THR B 306 -10.97 29.93 -31.08
C THR B 306 -11.66 30.99 -31.91
N TRP B 307 -11.15 32.21 -31.85
CA TRP B 307 -11.69 33.33 -32.61
C TRP B 307 -10.98 33.43 -33.97
N SER B 308 -11.73 33.80 -34.99
CA SER B 308 -11.17 33.92 -36.32
C SER B 308 -10.40 35.23 -36.45
N PRO B 309 -9.13 35.20 -36.87
CA PRO B 309 -8.41 36.47 -37.09
C PRO B 309 -8.87 37.22 -38.32
N LEU B 310 -9.57 36.54 -39.24
CA LEU B 310 -10.06 37.20 -40.45
C LEU B 310 -11.36 37.95 -40.18
N ASN B 311 -12.34 37.27 -39.60
CA ASN B 311 -13.61 37.88 -39.19
C ASN B 311 -13.69 37.78 -37.68
N HIS B 312 -13.59 38.92 -36.99
CA HIS B 312 -13.55 38.95 -35.54
C HIS B 312 -14.91 38.78 -34.88
N SER B 313 -15.93 38.39 -35.65
CA SER B 313 -17.24 38.05 -35.10
C SER B 313 -17.53 36.56 -35.15
N LEU B 314 -16.60 35.74 -35.64
CA LEU B 314 -16.76 34.30 -35.69
C LEU B 314 -16.01 33.66 -34.53
N LEU B 315 -16.58 32.56 -34.02
CA LEU B 315 -16.00 31.83 -32.90
C LEU B 315 -16.18 30.34 -33.19
N THR B 316 -15.08 29.65 -33.46
CA THR B 316 -15.11 28.23 -33.79
C THR B 316 -14.90 27.41 -32.52
N THR B 317 -15.86 26.52 -32.23
CA THR B 317 -15.80 25.67 -31.05
C THR B 317 -15.88 24.21 -31.46
N VAL B 318 -15.06 23.38 -30.82
CA VAL B 318 -15.10 21.94 -31.02
C VAL B 318 -15.50 21.28 -29.71
N GLY B 319 -15.96 20.04 -29.80
CA GLY B 319 -16.39 19.31 -28.63
C GLY B 319 -16.24 17.81 -28.85
N TRP B 320 -16.59 17.05 -27.80
CA TRP B 320 -16.55 15.60 -27.88
C TRP B 320 -17.67 15.02 -28.71
N ASP B 321 -18.65 15.83 -29.12
CA ASP B 321 -19.72 15.39 -30.00
C ASP B 321 -19.33 15.51 -31.48
N HIS B 322 -18.04 15.68 -31.76
CA HIS B 322 -17.52 15.72 -33.13
C HIS B 322 -18.11 16.85 -33.96
N GLN B 323 -18.51 17.93 -33.30
CA GLN B 323 -19.06 19.10 -33.98
C GLN B 323 -18.03 20.23 -34.01
N VAL B 324 -17.89 20.85 -35.17
CA VAL B 324 -17.07 22.06 -35.34
C VAL B 324 -18.05 23.17 -35.70
N VAL B 325 -18.57 23.85 -34.70
CA VAL B 325 -19.61 24.87 -34.89
C VAL B 325 -18.95 26.23 -35.08
N HIS B 326 -19.46 27.00 -36.05
CA HIS B 326 -19.01 28.36 -36.31
C HIS B 326 -20.06 29.32 -35.78
N HIS B 327 -19.76 29.96 -34.64
CA HIS B 327 -20.70 30.84 -33.98
C HIS B 327 -20.56 32.26 -34.47
N VAL B 328 -21.68 32.86 -34.89
CA VAL B 328 -21.70 34.29 -35.21
C VAL B 328 -21.92 35.06 -33.91
N VAL B 329 -20.95 35.89 -33.55
CA VAL B 329 -20.94 36.60 -32.28
C VAL B 329 -21.44 38.02 -32.52
N PRO B 330 -22.59 38.42 -31.95
CA PRO B 330 -23.04 39.81 -32.11
C PRO B 330 -22.13 40.80 -31.41
N THR B 331 -21.26 41.46 -32.17
CA THR B 331 -20.31 42.41 -31.60
C THR B 331 -20.66 43.84 -32.01
#